data_2CD3
# 
_entry.id   2CD3 
# 
_audit_conform.dict_name       mmcif_pdbx.dic 
_audit_conform.dict_version    5.392 
_audit_conform.dict_location   http://mmcif.pdb.org/dictionaries/ascii/mmcif_pdbx.dic 
# 
loop_
_database_2.database_id 
_database_2.database_code 
_database_2.pdbx_database_accession 
_database_2.pdbx_DOI 
PDB   2CD3         pdb_00002cd3 10.2210/pdb2cd3/pdb 
PDBE  EBI-27328    ?            ?                   
WWPDB D_1290027328 ?            ?                   
# 
loop_
_pdbx_audit_revision_history.ordinal 
_pdbx_audit_revision_history.data_content_type 
_pdbx_audit_revision_history.major_revision 
_pdbx_audit_revision_history.minor_revision 
_pdbx_audit_revision_history.revision_date 
1 'Structure model' 1 0 2007-05-01 
2 'Structure model' 1 1 2016-01-27 
3 'Structure model' 1 2 2024-05-15 
# 
_pdbx_audit_revision_details.ordinal             1 
_pdbx_audit_revision_details.revision_ordinal    1 
_pdbx_audit_revision_details.data_content_type   'Structure model' 
_pdbx_audit_revision_details.provider            repository 
_pdbx_audit_revision_details.type                'Initial release' 
_pdbx_audit_revision_details.description         ? 
_pdbx_audit_revision_details.details             ? 
# 
loop_
_pdbx_audit_revision_group.ordinal 
_pdbx_audit_revision_group.revision_ordinal 
_pdbx_audit_revision_group.data_content_type 
_pdbx_audit_revision_group.group 
1 2 'Structure model' 'Derived calculations'      
2 2 'Structure model' Other                       
3 2 'Structure model' 'Version format compliance' 
4 3 'Structure model' 'Data collection'           
5 3 'Structure model' 'Database references'       
# 
loop_
_pdbx_audit_revision_category.ordinal 
_pdbx_audit_revision_category.revision_ordinal 
_pdbx_audit_revision_category.data_content_type 
_pdbx_audit_revision_category.category 
1 3 'Structure model' chem_comp_atom    
2 3 'Structure model' chem_comp_bond    
3 3 'Structure model' database_2        
4 3 'Structure model' pdbx_nmr_software 
# 
loop_
_pdbx_audit_revision_item.ordinal 
_pdbx_audit_revision_item.revision_ordinal 
_pdbx_audit_revision_item.data_content_type 
_pdbx_audit_revision_item.item 
1 3 'Structure model' '_database_2.pdbx_DOI'                
2 3 'Structure model' '_database_2.pdbx_database_accession' 
3 3 'Structure model' '_pdbx_nmr_software.name'             
# 
_pdbx_database_status.status_code                     REL 
_pdbx_database_status.entry_id                        2CD3 
_pdbx_database_status.deposit_site                    PDBE 
_pdbx_database_status.process_site                    PDBE 
_pdbx_database_status.SG_entry                        . 
_pdbx_database_status.recvd_initial_deposition_date   2006-01-19 
_pdbx_database_status.pdb_format_compatible           Y 
_pdbx_database_status.status_code_sf                  ? 
_pdbx_database_status.status_code_mr                  ? 
_pdbx_database_status.status_code_cs                  ? 
_pdbx_database_status.methods_development_category    ? 
_pdbx_database_status.status_code_nmr_data            ? 
# 
loop_
_pdbx_database_related.db_name 
_pdbx_database_related.db_id 
_pdbx_database_related.content_type 
_pdbx_database_related.details 
PDB 2CD1 unspecified 'REFINEMENT OF P4 STEMLOOP STRUCTURE USING RESIDUAL DIPOLAR COUPLING DATA' 
PDB 2CD5 unspecified 
'REFINEMENT OF RNASE P P4 STEMLOOP STRUCTURE USING RESIDUAL DIPOLAR COUPLINGS - COBALT( III) HEXAMMINE COMPLEX STRUCTURE'     
PDB 2CD6 unspecified 
'REFINEMENT OF RNASE P P4 STEMLOOP STRUCTURE USING RESIDUAL DIPOLAR COUPLING DATA, C70U MUTANT COBALT(III) HEXAMMINE COMPLEX' 
# 
_audit_author.name           'Schmitz, M.' 
_audit_author.pdbx_ordinal   1 
# 
_citation.id                        1 
_citation.title                     'Solution Structure and Metal-Ion Binding of the P4 Element from Bacterial Rnase P RNA' 
_citation.journal_abbrev            RNA 
_citation.journal_volume            6 
_citation.page_first                1212 
_citation.page_last                 ? 
_citation.year                      2000 
_citation.journal_id_ASTM           RNARFU 
_citation.country                   UK 
_citation.journal_id_ISSN           1355-8382 
_citation.journal_id_CSD            2122 
_citation.book_publisher            ? 
_citation.pdbx_database_id_PubMed   10999599 
_citation.pdbx_database_id_DOI      10.1017/S1355838200000881 
# 
loop_
_citation_author.citation_id 
_citation_author.name 
_citation_author.ordinal 
_citation_author.identifier_ORCID 
1 'Schmitz, M.'       1 ? 
1 'Tinoco Junior, I.' 2 ? 
# 
_entity.id                         1 
_entity.type                       polymer 
_entity.src_method                 syn 
_entity.pdbx_description           
;5'-R(*GP*GP*AP*AP*GP*UP*UP*CP*GP*GP *UP*CP*UP*UP*CP*GP*GP*AP*CP*CP*GP*GP*CP*UP*UP*CP*C)-3'
;
_entity.formula_weight             8634.127 
_entity.pdbx_number_of_molecules   1 
_entity.pdbx_ec                    ? 
_entity.pdbx_mutation              ? 
_entity.pdbx_fragment              ? 
_entity.details                    'CYTOSINE 70 URACIL MUTANT' 
# 
_entity_name_com.entity_id   1 
_entity_name_com.name        'RNASE P RIBOZYME, P4 DOMAIN MUTANT' 
# 
_entity_poly.entity_id                      1 
_entity_poly.type                           polyribonucleotide 
_entity_poly.nstd_linkage                   no 
_entity_poly.nstd_monomer                   no 
_entity_poly.pdbx_seq_one_letter_code       GGAAGUUCGGUCUUCGGACCGGCUUCC 
_entity_poly.pdbx_seq_one_letter_code_can   GGAAGUUCGGUCUUCGGACCGGCUUCC 
_entity_poly.pdbx_strand_id                 A 
_entity_poly.pdbx_target_identifier         ? 
# 
loop_
_entity_poly_seq.entity_id 
_entity_poly_seq.num 
_entity_poly_seq.mon_id 
_entity_poly_seq.hetero 
1 1  G n 
1 2  G n 
1 3  A n 
1 4  A n 
1 5  G n 
1 6  U n 
1 7  U n 
1 8  C n 
1 9  G n 
1 10 G n 
1 11 U n 
1 12 C n 
1 13 U n 
1 14 U n 
1 15 C n 
1 16 G n 
1 17 G n 
1 18 A n 
1 19 C n 
1 20 C n 
1 21 G n 
1 22 G n 
1 23 C n 
1 24 U n 
1 25 U n 
1 26 C n 
1 27 C n 
# 
_pdbx_entity_src_syn.entity_id              1 
_pdbx_entity_src_syn.pdbx_src_id            1 
_pdbx_entity_src_syn.pdbx_alt_source_flag   sample 
_pdbx_entity_src_syn.pdbx_beg_seq_num       ? 
_pdbx_entity_src_syn.pdbx_end_seq_num       ? 
_pdbx_entity_src_syn.organism_scientific    'ESCHERICHIA COLI' 
_pdbx_entity_src_syn.organism_common_name   ? 
_pdbx_entity_src_syn.ncbi_taxonomy_id       562 
_pdbx_entity_src_syn.details                ? 
# 
loop_
_chem_comp.id 
_chem_comp.type 
_chem_comp.mon_nstd_flag 
_chem_comp.name 
_chem_comp.pdbx_synonyms 
_chem_comp.formula 
_chem_comp.formula_weight 
A 'RNA linking' y "ADENOSINE-5'-MONOPHOSPHATE" ? 'C10 H14 N5 O7 P' 347.221 
C 'RNA linking' y "CYTIDINE-5'-MONOPHOSPHATE"  ? 'C9 H14 N3 O8 P'  323.197 
G 'RNA linking' y "GUANOSINE-5'-MONOPHOSPHATE" ? 'C10 H14 N5 O8 P' 363.221 
U 'RNA linking' y "URIDINE-5'-MONOPHOSPHATE"   ? 'C9 H13 N2 O9 P'  324.181 
# 
loop_
_pdbx_poly_seq_scheme.asym_id 
_pdbx_poly_seq_scheme.entity_id 
_pdbx_poly_seq_scheme.seq_id 
_pdbx_poly_seq_scheme.mon_id 
_pdbx_poly_seq_scheme.ndb_seq_num 
_pdbx_poly_seq_scheme.pdb_seq_num 
_pdbx_poly_seq_scheme.auth_seq_num 
_pdbx_poly_seq_scheme.pdb_mon_id 
_pdbx_poly_seq_scheme.auth_mon_id 
_pdbx_poly_seq_scheme.pdb_strand_id 
_pdbx_poly_seq_scheme.pdb_ins_code 
_pdbx_poly_seq_scheme.hetero 
A 1 1  G 1  1  1  G G A . n 
A 1 2  G 2  2  2  G G A . n 
A 1 3  A 3  3  3  A A A . n 
A 1 4  A 4  4  4  A A A . n 
A 1 5  G 5  5  5  G G A . n 
A 1 6  U 6  6  6  U U A . n 
A 1 7  U 7  7  7  U U A . n 
A 1 8  C 8  8  8  C C A . n 
A 1 9  G 9  9  9  G G A . n 
A 1 10 G 10 10 10 G G A . n 
A 1 11 U 11 11 11 U U A . n 
A 1 12 C 12 12 12 C C A . n 
A 1 13 U 13 13 13 U U A . n 
A 1 14 U 14 14 14 U U A . n 
A 1 15 C 15 15 15 C C A . n 
A 1 16 G 16 16 16 G G A . n 
A 1 17 G 17 17 17 G G A . n 
A 1 18 A 18 18 18 A A A . n 
A 1 19 C 19 19 19 C C A . n 
A 1 20 C 20 20 20 C C A . n 
A 1 21 G 21 21 21 G G A . n 
A 1 22 G 22 22 22 G G A . n 
A 1 23 C 23 23 23 C C A . n 
A 1 24 U 24 24 24 U U A . n 
A 1 25 U 25 25 25 U U A . n 
A 1 26 C 26 26 26 C C A . n 
A 1 27 C 27 27 27 C C A . n 
# 
_cell.entry_id           2CD3 
_cell.length_a           1.000 
_cell.length_b           1.000 
_cell.length_c           1.000 
_cell.angle_alpha        90.00 
_cell.angle_beta         90.00 
_cell.angle_gamma        90.00 
_cell.Z_PDB              1 
_cell.pdbx_unique_axis   ? 
# 
_symmetry.entry_id                         2CD3 
_symmetry.space_group_name_H-M             'P 1' 
_symmetry.pdbx_full_space_group_name_H-M   ? 
_symmetry.cell_setting                     ? 
_symmetry.Int_Tables_number                1 
# 
_exptl.entry_id          2CD3 
_exptl.method            'SOLUTION NMR' 
_exptl.crystals_number   ? 
# 
_struct.entry_id                  2CD3 
_struct.title                     'Refinement of RNase P P4 stemloop structure using residual dipolar coupling data - C70U mutant' 
_struct.pdbx_model_details        ? 
_struct.pdbx_CASP_flag            ? 
_struct.pdbx_model_type_details   'MINIMIZED AVERAGE' 
# 
_struct_keywords.entry_id        2CD3 
_struct_keywords.pdbx_keywords   'NUCLEIC ACID' 
_struct_keywords.text            
'NUCLEIC ACID, C70U MUTANT, METAL BINDING SITE, P4 STEM, RIBONUCLEASE P, RIBONUCLEIC ACID, RIBOZYME, TRANSFER RNA PROCESSING' 
# 
_struct_asym.id                            A 
_struct_asym.pdbx_blank_PDB_chainid_flag   N 
_struct_asym.pdbx_modified                 N 
_struct_asym.entity_id                     1 
_struct_asym.details                       ? 
# 
_struct_ref.id                         1 
_struct_ref.db_name                    PDB 
_struct_ref.db_code                    2CD3 
_struct_ref.entity_id                  1 
_struct_ref.pdbx_seq_one_letter_code   ? 
_struct_ref.pdbx_align_begin           ? 
_struct_ref.pdbx_db_accession          2CD3 
_struct_ref.pdbx_db_isoform            ? 
# 
_struct_ref_seq.align_id                      1 
_struct_ref_seq.ref_id                        1 
_struct_ref_seq.pdbx_PDB_id_code              2CD3 
_struct_ref_seq.pdbx_strand_id                A 
_struct_ref_seq.seq_align_beg                 1 
_struct_ref_seq.pdbx_seq_align_beg_ins_code   ? 
_struct_ref_seq.seq_align_end                 27 
_struct_ref_seq.pdbx_seq_align_end_ins_code   ? 
_struct_ref_seq.pdbx_db_accession             2CD3 
_struct_ref_seq.db_align_beg                  1 
_struct_ref_seq.pdbx_db_align_beg_ins_code    ? 
_struct_ref_seq.db_align_end                  27 
_struct_ref_seq.pdbx_db_align_end_ins_code    ? 
_struct_ref_seq.pdbx_auth_seq_align_beg       1 
_struct_ref_seq.pdbx_auth_seq_align_end       27 
# 
_pdbx_struct_assembly.id                   1 
_pdbx_struct_assembly.details              author_defined_assembly 
_pdbx_struct_assembly.method_details       ? 
_pdbx_struct_assembly.oligomeric_details   monomeric 
_pdbx_struct_assembly.oligomeric_count     1 
# 
_pdbx_struct_assembly_gen.assembly_id       1 
_pdbx_struct_assembly_gen.oper_expression   1 
_pdbx_struct_assembly_gen.asym_id_list      A 
# 
_pdbx_struct_oper_list.id                   1 
_pdbx_struct_oper_list.type                 'identity operation' 
_pdbx_struct_oper_list.name                 1_555 
_pdbx_struct_oper_list.symmetry_operation   x,y,z 
_pdbx_struct_oper_list.matrix[1][1]         1.0000000000 
_pdbx_struct_oper_list.matrix[1][2]         0.0000000000 
_pdbx_struct_oper_list.matrix[1][3]         0.0000000000 
_pdbx_struct_oper_list.vector[1]            0.0000000000 
_pdbx_struct_oper_list.matrix[2][1]         0.0000000000 
_pdbx_struct_oper_list.matrix[2][2]         1.0000000000 
_pdbx_struct_oper_list.matrix[2][3]         0.0000000000 
_pdbx_struct_oper_list.vector[2]            0.0000000000 
_pdbx_struct_oper_list.matrix[3][1]         0.0000000000 
_pdbx_struct_oper_list.matrix[3][2]         0.0000000000 
_pdbx_struct_oper_list.matrix[3][3]         1.0000000000 
_pdbx_struct_oper_list.vector[3]            0.0000000000 
# 
_struct_biol.id   1 
# 
loop_
_struct_conn.id 
_struct_conn.conn_type_id 
_struct_conn.pdbx_leaving_atom_flag 
_struct_conn.pdbx_PDB_id 
_struct_conn.ptnr1_label_asym_id 
_struct_conn.ptnr1_label_comp_id 
_struct_conn.ptnr1_label_seq_id 
_struct_conn.ptnr1_label_atom_id 
_struct_conn.pdbx_ptnr1_label_alt_id 
_struct_conn.pdbx_ptnr1_PDB_ins_code 
_struct_conn.pdbx_ptnr1_standard_comp_id 
_struct_conn.ptnr1_symmetry 
_struct_conn.ptnr2_label_asym_id 
_struct_conn.ptnr2_label_comp_id 
_struct_conn.ptnr2_label_seq_id 
_struct_conn.ptnr2_label_atom_id 
_struct_conn.pdbx_ptnr2_label_alt_id 
_struct_conn.pdbx_ptnr2_PDB_ins_code 
_struct_conn.ptnr1_auth_asym_id 
_struct_conn.ptnr1_auth_comp_id 
_struct_conn.ptnr1_auth_seq_id 
_struct_conn.ptnr2_auth_asym_id 
_struct_conn.ptnr2_auth_comp_id 
_struct_conn.ptnr2_auth_seq_id 
_struct_conn.ptnr2_symmetry 
_struct_conn.pdbx_ptnr3_label_atom_id 
_struct_conn.pdbx_ptnr3_label_seq_id 
_struct_conn.pdbx_ptnr3_label_comp_id 
_struct_conn.pdbx_ptnr3_label_asym_id 
_struct_conn.pdbx_ptnr3_label_alt_id 
_struct_conn.pdbx_ptnr3_PDB_ins_code 
_struct_conn.details 
_struct_conn.pdbx_dist_value 
_struct_conn.pdbx_value_order 
_struct_conn.pdbx_role 
hydrog1  hydrog ? ? A G 1  N1 ? ? ? 1_555 A C 27 N3 ? ? A G 1  A C 27 1_555 ? ? ? ? ? ? WATSON-CRICK  ? ? ? 
hydrog2  hydrog ? ? A G 1  N2 ? ? ? 1_555 A C 27 O2 ? ? A G 1  A C 27 1_555 ? ? ? ? ? ? WATSON-CRICK  ? ? ? 
hydrog3  hydrog ? ? A G 1  O6 ? ? ? 1_555 A C 27 N4 ? ? A G 1  A C 27 1_555 ? ? ? ? ? ? WATSON-CRICK  ? ? ? 
hydrog4  hydrog ? ? A G 2  N1 ? ? ? 1_555 A C 26 N3 ? ? A G 2  A C 26 1_555 ? ? ? ? ? ? WATSON-CRICK  ? ? ? 
hydrog5  hydrog ? ? A G 2  N2 ? ? ? 1_555 A C 26 O2 ? ? A G 2  A C 26 1_555 ? ? ? ? ? ? WATSON-CRICK  ? ? ? 
hydrog6  hydrog ? ? A G 2  O6 ? ? ? 1_555 A C 26 N4 ? ? A G 2  A C 26 1_555 ? ? ? ? ? ? WATSON-CRICK  ? ? ? 
hydrog7  hydrog ? ? A A 3  N1 ? ? ? 1_555 A U 25 N3 ? ? A A 3  A U 25 1_555 ? ? ? ? ? ? WATSON-CRICK  ? ? ? 
hydrog8  hydrog ? ? A A 3  N6 ? ? ? 1_555 A U 25 O4 ? ? A A 3  A U 25 1_555 ? ? ? ? ? ? WATSON-CRICK  ? ? ? 
hydrog9  hydrog ? ? A A 4  N1 ? ? ? 1_555 A U 24 N3 ? ? A A 4  A U 24 1_555 ? ? ? ? ? ? WATSON-CRICK  ? ? ? 
hydrog10 hydrog ? ? A A 4  N6 ? ? ? 1_555 A U 24 O4 ? ? A A 4  A U 24 1_555 ? ? ? ? ? ? WATSON-CRICK  ? ? ? 
hydrog11 hydrog ? ? A G 5  N1 ? ? ? 1_555 A C 23 N3 ? ? A G 5  A C 23 1_555 ? ? ? ? ? ? WATSON-CRICK  ? ? ? 
hydrog12 hydrog ? ? A G 5  N2 ? ? ? 1_555 A C 23 O2 ? ? A G 5  A C 23 1_555 ? ? ? ? ? ? WATSON-CRICK  ? ? ? 
hydrog13 hydrog ? ? A G 5  O6 ? ? ? 1_555 A C 23 N4 ? ? A G 5  A C 23 1_555 ? ? ? ? ? ? WATSON-CRICK  ? ? ? 
hydrog14 hydrog ? ? A U 6  N3 ? ? ? 1_555 A G 22 O6 ? ? A U 6  A G 22 1_555 ? ? ? ? ? ? TYPE_28_PAIR  ? ? ? 
hydrog15 hydrog ? ? A U 6  O2 ? ? ? 1_555 A G 22 N1 ? ? A U 6  A G 22 1_555 ? ? ? ? ? ? TYPE_28_PAIR  ? ? ? 
hydrog16 hydrog ? ? A C 8  N3 ? ? ? 1_555 A G 21 N1 ? ? A C 8  A G 21 1_555 ? ? ? ? ? ? WATSON-CRICK  ? ? ? 
hydrog17 hydrog ? ? A C 8  N4 ? ? ? 1_555 A G 21 O6 ? ? A C 8  A G 21 1_555 ? ? ? ? ? ? WATSON-CRICK  ? ? ? 
hydrog18 hydrog ? ? A C 8  O2 ? ? ? 1_555 A G 21 N2 ? ? A C 8  A G 21 1_555 ? ? ? ? ? ? WATSON-CRICK  ? ? ? 
hydrog19 hydrog ? ? A G 9  N1 ? ? ? 1_555 A C 20 N3 ? ? A G 9  A C 20 1_555 ? ? ? ? ? ? WATSON-CRICK  ? ? ? 
hydrog20 hydrog ? ? A G 9  N2 ? ? ? 1_555 A C 20 O2 ? ? A G 9  A C 20 1_555 ? ? ? ? ? ? WATSON-CRICK  ? ? ? 
hydrog21 hydrog ? ? A G 9  O6 ? ? ? 1_555 A C 20 N4 ? ? A G 9  A C 20 1_555 ? ? ? ? ? ? WATSON-CRICK  ? ? ? 
hydrog22 hydrog ? ? A G 10 N1 ? ? ? 1_555 A C 19 N3 ? ? A G 10 A C 19 1_555 ? ? ? ? ? ? WATSON-CRICK  ? ? ? 
hydrog23 hydrog ? ? A G 10 N2 ? ? ? 1_555 A C 19 O2 ? ? A G 10 A C 19 1_555 ? ? ? ? ? ? WATSON-CRICK  ? ? ? 
hydrog24 hydrog ? ? A G 10 O6 ? ? ? 1_555 A C 19 N4 ? ? A G 10 A C 19 1_555 ? ? ? ? ? ? WATSON-CRICK  ? ? ? 
hydrog25 hydrog ? ? A U 11 N3 ? ? ? 1_555 A A 18 N1 ? ? A U 11 A A 18 1_555 ? ? ? ? ? ? WATSON-CRICK  ? ? ? 
hydrog26 hydrog ? ? A U 11 O4 ? ? ? 1_555 A A 18 N6 ? ? A U 11 A A 18 1_555 ? ? ? ? ? ? WATSON-CRICK  ? ? ? 
hydrog27 hydrog ? ? A C 12 N3 ? ? ? 1_555 A G 17 N1 ? ? A C 12 A G 17 1_555 ? ? ? ? ? ? WATSON-CRICK  ? ? ? 
hydrog28 hydrog ? ? A C 12 N4 ? ? ? 1_555 A G 17 O6 ? ? A C 12 A G 17 1_555 ? ? ? ? ? ? WATSON-CRICK  ? ? ? 
hydrog29 hydrog ? ? A C 12 O2 ? ? ? 1_555 A G 17 N2 ? ? A C 12 A G 17 1_555 ? ? ? ? ? ? WATSON-CRICK  ? ? ? 
hydrog30 hydrog ? ? A U 13 O2 ? ? ? 1_555 A G 16 N1 ? ? A U 13 A G 16 1_555 ? ? ? ? ? ? 'U-G MISPAIR' ? ? ? 
# 
_struct_conn_type.id          hydrog 
_struct_conn_type.criteria    ? 
_struct_conn_type.reference   ? 
# 
_pdbx_entry_details.entry_id                 2CD3 
_pdbx_entry_details.compound_details         ? 
_pdbx_entry_details.source_details           ? 
_pdbx_entry_details.nonpolymer_details       ? 
_pdbx_entry_details.sequence_details         
;THE SEQUENCE CORRESPONDS TO NUCLEOTIDES 66 TO 73, AND
354 TO 360 OF THE E. COLI RNASE P RNA, WITH TWO G:C PAIRS
ADDED ON THE 5' SIDE OF THE HELIX, AND ONE U:A PAIR,
ONE C:G PAIR AND A UUCG LOOP ADDED ON THE OTHER
SIDE. IN THE PDB ENTRY,NUCLEOTIDES 3-10 CORRESPOND TO
66-73 IN E. COLI RNASE P RNA, AND NUCLEOTIDES 19-25
CORRESPOND TO 334-360.
;
_pdbx_entry_details.has_ligand_of_interest   ? 
# 
_pdbx_nmr_ensemble.entry_id                             2CD3 
_pdbx_nmr_ensemble.conformers_calculated_total_number   50 
_pdbx_nmr_ensemble.conformers_submitted_total_number    1 
_pdbx_nmr_ensemble.conformer_selection_criteria         'LEAST RESTRAINT VIOLATION' 
# 
_pdbx_nmr_sample_details.solution_id   1 
_pdbx_nmr_sample_details.contents      '90% WATER/10% D2O' 
# 
_pdbx_nmr_exptl_sample_conditions.conditions_id          1 
_pdbx_nmr_exptl_sample_conditions.temperature            288.0 
_pdbx_nmr_exptl_sample_conditions.pressure_units         atm 
_pdbx_nmr_exptl_sample_conditions.pressure               1.0 
_pdbx_nmr_exptl_sample_conditions.pH                     6.5 
_pdbx_nmr_exptl_sample_conditions.ionic_strength         100 
_pdbx_nmr_exptl_sample_conditions.ionic_strength_units   mM 
_pdbx_nmr_exptl_sample_conditions.pH_units               pH 
_pdbx_nmr_exptl_sample_conditions.temperature_units      K 
# 
_pdbx_nmr_exptl.experiment_id   1 
_pdbx_nmr_exptl.conditions_id   1 
_pdbx_nmr_exptl.type            '1H-15N HSQC' 
_pdbx_nmr_exptl.solution_id     1 
# 
_pdbx_nmr_details.entry_id   2CD3 
_pdbx_nmr_details.text       
;THE STRUCTURE WAS DETERMINED USING CONSTRAINTS FROM HOMONUCLEAR NMR EXPERIMENTS AS DESCRIBED IN ENTRY 1F6Z, AND ADDITIONAL RESIDUAL DIPOLAR COUPLINGS FROM HSQC TYPE EXPERIMENTS ACQUIRED WITH AND WITHOUT 22 MG PER ML PF1 PHAGE PRESENT IN SOLUTION
;
# 
_pdbx_nmr_refine.entry_id           2CD3 
_pdbx_nmr_refine.method             'RESTRAINED MOLECULAR DYNAMICS' 
_pdbx_nmr_refine.details            
'DETAILS OF THE REFINEMENT PROCEDURE AGAINST RESIDUAL DIPOLAR COUPLINGS ARE GIVEN IN THE PRIMARY CITATION ABOVE' 
_pdbx_nmr_refine.software_ordinal   1 
# 
loop_
_pdbx_nmr_software.classification 
_pdbx_nmr_software.name 
_pdbx_nmr_software.version 
_pdbx_nmr_software.authors 
_pdbx_nmr_software.ordinal 
refinement           Xplor-NIH NIH BRUNGER 1 
'structure solution' Xplor-NIH NIH ?       2 
# 
loop_
_chem_comp_atom.comp_id 
_chem_comp_atom.atom_id 
_chem_comp_atom.type_symbol 
_chem_comp_atom.pdbx_aromatic_flag 
_chem_comp_atom.pdbx_stereo_config 
_chem_comp_atom.pdbx_ordinal 
A OP3    O N N 1   
A P      P N N 2   
A OP1    O N N 3   
A OP2    O N N 4   
A "O5'"  O N N 5   
A "C5'"  C N N 6   
A "C4'"  C N R 7   
A "O4'"  O N N 8   
A "C3'"  C N S 9   
A "O3'"  O N N 10  
A "C2'"  C N R 11  
A "O2'"  O N N 12  
A "C1'"  C N R 13  
A N9     N Y N 14  
A C8     C Y N 15  
A N7     N Y N 16  
A C5     C Y N 17  
A C6     C Y N 18  
A N6     N N N 19  
A N1     N Y N 20  
A C2     C Y N 21  
A N3     N Y N 22  
A C4     C Y N 23  
A HOP3   H N N 24  
A HOP2   H N N 25  
A "H5'"  H N N 26  
A "H5''" H N N 27  
A "H4'"  H N N 28  
A "H3'"  H N N 29  
A "HO3'" H N N 30  
A "H2'"  H N N 31  
A "HO2'" H N N 32  
A "H1'"  H N N 33  
A H8     H N N 34  
A H61    H N N 35  
A H62    H N N 36  
A H2     H N N 37  
C OP3    O N N 38  
C P      P N N 39  
C OP1    O N N 40  
C OP2    O N N 41  
C "O5'"  O N N 42  
C "C5'"  C N N 43  
C "C4'"  C N R 44  
C "O4'"  O N N 45  
C "C3'"  C N S 46  
C "O3'"  O N N 47  
C "C2'"  C N R 48  
C "O2'"  O N N 49  
C "C1'"  C N R 50  
C N1     N N N 51  
C C2     C N N 52  
C O2     O N N 53  
C N3     N N N 54  
C C4     C N N 55  
C N4     N N N 56  
C C5     C N N 57  
C C6     C N N 58  
C HOP3   H N N 59  
C HOP2   H N N 60  
C "H5'"  H N N 61  
C "H5''" H N N 62  
C "H4'"  H N N 63  
C "H3'"  H N N 64  
C "HO3'" H N N 65  
C "H2'"  H N N 66  
C "HO2'" H N N 67  
C "H1'"  H N N 68  
C H41    H N N 69  
C H42    H N N 70  
C H5     H N N 71  
C H6     H N N 72  
G OP3    O N N 73  
G P      P N N 74  
G OP1    O N N 75  
G OP2    O N N 76  
G "O5'"  O N N 77  
G "C5'"  C N N 78  
G "C4'"  C N R 79  
G "O4'"  O N N 80  
G "C3'"  C N S 81  
G "O3'"  O N N 82  
G "C2'"  C N R 83  
G "O2'"  O N N 84  
G "C1'"  C N R 85  
G N9     N Y N 86  
G C8     C Y N 87  
G N7     N Y N 88  
G C5     C Y N 89  
G C6     C N N 90  
G O6     O N N 91  
G N1     N N N 92  
G C2     C N N 93  
G N2     N N N 94  
G N3     N N N 95  
G C4     C Y N 96  
G HOP3   H N N 97  
G HOP2   H N N 98  
G "H5'"  H N N 99  
G "H5''" H N N 100 
G "H4'"  H N N 101 
G "H3'"  H N N 102 
G "HO3'" H N N 103 
G "H2'"  H N N 104 
G "HO2'" H N N 105 
G "H1'"  H N N 106 
G H8     H N N 107 
G H1     H N N 108 
G H21    H N N 109 
G H22    H N N 110 
U OP3    O N N 111 
U P      P N N 112 
U OP1    O N N 113 
U OP2    O N N 114 
U "O5'"  O N N 115 
U "C5'"  C N N 116 
U "C4'"  C N R 117 
U "O4'"  O N N 118 
U "C3'"  C N S 119 
U "O3'"  O N N 120 
U "C2'"  C N R 121 
U "O2'"  O N N 122 
U "C1'"  C N R 123 
U N1     N N N 124 
U C2     C N N 125 
U O2     O N N 126 
U N3     N N N 127 
U C4     C N N 128 
U O4     O N N 129 
U C5     C N N 130 
U C6     C N N 131 
U HOP3   H N N 132 
U HOP2   H N N 133 
U "H5'"  H N N 134 
U "H5''" H N N 135 
U "H4'"  H N N 136 
U "H3'"  H N N 137 
U "HO3'" H N N 138 
U "H2'"  H N N 139 
U "HO2'" H N N 140 
U "H1'"  H N N 141 
U H3     H N N 142 
U H5     H N N 143 
U H6     H N N 144 
# 
loop_
_chem_comp_bond.comp_id 
_chem_comp_bond.atom_id_1 
_chem_comp_bond.atom_id_2 
_chem_comp_bond.value_order 
_chem_comp_bond.pdbx_aromatic_flag 
_chem_comp_bond.pdbx_stereo_config 
_chem_comp_bond.pdbx_ordinal 
A OP3   P      sing N N 1   
A OP3   HOP3   sing N N 2   
A P     OP1    doub N N 3   
A P     OP2    sing N N 4   
A P     "O5'"  sing N N 5   
A OP2   HOP2   sing N N 6   
A "O5'" "C5'"  sing N N 7   
A "C5'" "C4'"  sing N N 8   
A "C5'" "H5'"  sing N N 9   
A "C5'" "H5''" sing N N 10  
A "C4'" "O4'"  sing N N 11  
A "C4'" "C3'"  sing N N 12  
A "C4'" "H4'"  sing N N 13  
A "O4'" "C1'"  sing N N 14  
A "C3'" "O3'"  sing N N 15  
A "C3'" "C2'"  sing N N 16  
A "C3'" "H3'"  sing N N 17  
A "O3'" "HO3'" sing N N 18  
A "C2'" "O2'"  sing N N 19  
A "C2'" "C1'"  sing N N 20  
A "C2'" "H2'"  sing N N 21  
A "O2'" "HO2'" sing N N 22  
A "C1'" N9     sing N N 23  
A "C1'" "H1'"  sing N N 24  
A N9    C8     sing Y N 25  
A N9    C4     sing Y N 26  
A C8    N7     doub Y N 27  
A C8    H8     sing N N 28  
A N7    C5     sing Y N 29  
A C5    C6     sing Y N 30  
A C5    C4     doub Y N 31  
A C6    N6     sing N N 32  
A C6    N1     doub Y N 33  
A N6    H61    sing N N 34  
A N6    H62    sing N N 35  
A N1    C2     sing Y N 36  
A C2    N3     doub Y N 37  
A C2    H2     sing N N 38  
A N3    C4     sing Y N 39  
C OP3   P      sing N N 40  
C OP3   HOP3   sing N N 41  
C P     OP1    doub N N 42  
C P     OP2    sing N N 43  
C P     "O5'"  sing N N 44  
C OP2   HOP2   sing N N 45  
C "O5'" "C5'"  sing N N 46  
C "C5'" "C4'"  sing N N 47  
C "C5'" "H5'"  sing N N 48  
C "C5'" "H5''" sing N N 49  
C "C4'" "O4'"  sing N N 50  
C "C4'" "C3'"  sing N N 51  
C "C4'" "H4'"  sing N N 52  
C "O4'" "C1'"  sing N N 53  
C "C3'" "O3'"  sing N N 54  
C "C3'" "C2'"  sing N N 55  
C "C3'" "H3'"  sing N N 56  
C "O3'" "HO3'" sing N N 57  
C "C2'" "O2'"  sing N N 58  
C "C2'" "C1'"  sing N N 59  
C "C2'" "H2'"  sing N N 60  
C "O2'" "HO2'" sing N N 61  
C "C1'" N1     sing N N 62  
C "C1'" "H1'"  sing N N 63  
C N1    C2     sing N N 64  
C N1    C6     sing N N 65  
C C2    O2     doub N N 66  
C C2    N3     sing N N 67  
C N3    C4     doub N N 68  
C C4    N4     sing N N 69  
C C4    C5     sing N N 70  
C N4    H41    sing N N 71  
C N4    H42    sing N N 72  
C C5    C6     doub N N 73  
C C5    H5     sing N N 74  
C C6    H6     sing N N 75  
G OP3   P      sing N N 76  
G OP3   HOP3   sing N N 77  
G P     OP1    doub N N 78  
G P     OP2    sing N N 79  
G P     "O5'"  sing N N 80  
G OP2   HOP2   sing N N 81  
G "O5'" "C5'"  sing N N 82  
G "C5'" "C4'"  sing N N 83  
G "C5'" "H5'"  sing N N 84  
G "C5'" "H5''" sing N N 85  
G "C4'" "O4'"  sing N N 86  
G "C4'" "C3'"  sing N N 87  
G "C4'" "H4'"  sing N N 88  
G "O4'" "C1'"  sing N N 89  
G "C3'" "O3'"  sing N N 90  
G "C3'" "C2'"  sing N N 91  
G "C3'" "H3'"  sing N N 92  
G "O3'" "HO3'" sing N N 93  
G "C2'" "O2'"  sing N N 94  
G "C2'" "C1'"  sing N N 95  
G "C2'" "H2'"  sing N N 96  
G "O2'" "HO2'" sing N N 97  
G "C1'" N9     sing N N 98  
G "C1'" "H1'"  sing N N 99  
G N9    C8     sing Y N 100 
G N9    C4     sing Y N 101 
G C8    N7     doub Y N 102 
G C8    H8     sing N N 103 
G N7    C5     sing Y N 104 
G C5    C6     sing N N 105 
G C5    C4     doub Y N 106 
G C6    O6     doub N N 107 
G C6    N1     sing N N 108 
G N1    C2     sing N N 109 
G N1    H1     sing N N 110 
G C2    N2     sing N N 111 
G C2    N3     doub N N 112 
G N2    H21    sing N N 113 
G N2    H22    sing N N 114 
G N3    C4     sing N N 115 
U OP3   P      sing N N 116 
U OP3   HOP3   sing N N 117 
U P     OP1    doub N N 118 
U P     OP2    sing N N 119 
U P     "O5'"  sing N N 120 
U OP2   HOP2   sing N N 121 
U "O5'" "C5'"  sing N N 122 
U "C5'" "C4'"  sing N N 123 
U "C5'" "H5'"  sing N N 124 
U "C5'" "H5''" sing N N 125 
U "C4'" "O4'"  sing N N 126 
U "C4'" "C3'"  sing N N 127 
U "C4'" "H4'"  sing N N 128 
U "O4'" "C1'"  sing N N 129 
U "C3'" "O3'"  sing N N 130 
U "C3'" "C2'"  sing N N 131 
U "C3'" "H3'"  sing N N 132 
U "O3'" "HO3'" sing N N 133 
U "C2'" "O2'"  sing N N 134 
U "C2'" "C1'"  sing N N 135 
U "C2'" "H2'"  sing N N 136 
U "O2'" "HO2'" sing N N 137 
U "C1'" N1     sing N N 138 
U "C1'" "H1'"  sing N N 139 
U N1    C2     sing N N 140 
U N1    C6     sing N N 141 
U C2    O2     doub N N 142 
U C2    N3     sing N N 143 
U N3    C4     sing N N 144 
U N3    H3     sing N N 145 
U C4    O4     doub N N 146 
U C4    C5     sing N N 147 
U C5    C6     doub N N 148 
U C5    H5     sing N N 149 
U C6    H6     sing N N 150 
# 
loop_
_ndb_struct_conf_na.entry_id 
_ndb_struct_conf_na.feature 
2CD3 'double helix'         
2CD3 'a-form double helix'  
2CD3 tetraloop              
2CD3 'bulge loop'           
2CD3 'mismatched base pair' 
# 
loop_
_ndb_struct_na_base_pair.model_number 
_ndb_struct_na_base_pair.i_label_asym_id 
_ndb_struct_na_base_pair.i_label_comp_id 
_ndb_struct_na_base_pair.i_label_seq_id 
_ndb_struct_na_base_pair.i_symmetry 
_ndb_struct_na_base_pair.j_label_asym_id 
_ndb_struct_na_base_pair.j_label_comp_id 
_ndb_struct_na_base_pair.j_label_seq_id 
_ndb_struct_na_base_pair.j_symmetry 
_ndb_struct_na_base_pair.shear 
_ndb_struct_na_base_pair.stretch 
_ndb_struct_na_base_pair.stagger 
_ndb_struct_na_base_pair.buckle 
_ndb_struct_na_base_pair.propeller 
_ndb_struct_na_base_pair.opening 
_ndb_struct_na_base_pair.pair_number 
_ndb_struct_na_base_pair.pair_name 
_ndb_struct_na_base_pair.i_auth_asym_id 
_ndb_struct_na_base_pair.i_auth_seq_id 
_ndb_struct_na_base_pair.i_PDB_ins_code 
_ndb_struct_na_base_pair.j_auth_asym_id 
_ndb_struct_na_base_pair.j_auth_seq_id 
_ndb_struct_na_base_pair.j_PDB_ins_code 
_ndb_struct_na_base_pair.hbond_type_28 
_ndb_struct_na_base_pair.hbond_type_12 
1 A G 1  1_555 A C 27 1_555 -0.201 -0.337 -0.329 48.833  13.731  -2.034   1  A_G1:C27_A  A 1  ? A 27 ? 19 1 
1 A G 2  1_555 A C 26 1_555 -0.299 -0.368 0.769  0.312   -11.406 -6.977   2  A_G2:C26_A  A 2  ? A 26 ? 19 1 
1 A A 3  1_555 A U 25 1_555 0.029  -0.224 0.828  20.762  -19.503 -9.936   3  A_A3:U25_A  A 3  ? A 25 ? 20 1 
1 A A 4  1_555 A U 24 1_555 -0.115 -0.031 0.259  21.166  -11.998 -4.271   4  A_A4:U24_A  A 4  ? A 24 ? 20 1 
1 A G 5  1_555 A C 23 1_555 -0.295 -0.276 -0.456 -8.128  -27.745 1.204    5  A_G5:C23_A  A 5  ? A 23 ? 19 1 
1 A U 6  1_555 A G 22 1_555 2.360  -0.383 0.097  -10.863 -9.838  4.557    6  A_U6:G22_A  A 6  ? A 22 ? 28 1 
1 A C 8  1_555 A G 21 1_555 0.053  -0.324 -0.854 8.030   -15.933 -2.852   7  A_C8:G21_A  A 8  ? A 21 ? 19 1 
1 A G 9  1_555 A C 20 1_555 -0.053 -0.293 0.520  0.969   -8.405  -5.952   8  A_G9:C20_A  A 9  ? A 20 ? 19 1 
1 A G 10 1_555 A C 19 1_555 -0.364 -0.321 -0.756 -15.256 -30.262 4.010    9  A_G10:C19_A A 10 ? A 19 ? 19 1 
1 A U 11 1_555 A A 18 1_555 0.029  -0.263 -0.729 -12.010 -8.993  -5.615   10 A_U11:A18_A A 11 ? A 18 ? 20 1 
1 A C 12 1_555 A G 17 1_555 0.514  -0.274 -0.171 -7.371  -7.297  -1.760   11 A_C12:G17_A A 12 ? A 17 ? 19 1 
1 A U 13 1_555 A G 16 1_555 0.573  -5.398 -1.552 42.088  -11.204 -100.735 12 A_U13:G16_A A 13 ? A 16 ? ?  6 
# 
loop_
_ndb_struct_na_base_pair_step.model_number 
_ndb_struct_na_base_pair_step.i_label_asym_id_1 
_ndb_struct_na_base_pair_step.i_label_comp_id_1 
_ndb_struct_na_base_pair_step.i_label_seq_id_1 
_ndb_struct_na_base_pair_step.i_symmetry_1 
_ndb_struct_na_base_pair_step.j_label_asym_id_1 
_ndb_struct_na_base_pair_step.j_label_comp_id_1 
_ndb_struct_na_base_pair_step.j_label_seq_id_1 
_ndb_struct_na_base_pair_step.j_symmetry_1 
_ndb_struct_na_base_pair_step.i_label_asym_id_2 
_ndb_struct_na_base_pair_step.i_label_comp_id_2 
_ndb_struct_na_base_pair_step.i_label_seq_id_2 
_ndb_struct_na_base_pair_step.i_symmetry_2 
_ndb_struct_na_base_pair_step.j_label_asym_id_2 
_ndb_struct_na_base_pair_step.j_label_comp_id_2 
_ndb_struct_na_base_pair_step.j_label_seq_id_2 
_ndb_struct_na_base_pair_step.j_symmetry_2 
_ndb_struct_na_base_pair_step.shift 
_ndb_struct_na_base_pair_step.slide 
_ndb_struct_na_base_pair_step.rise 
_ndb_struct_na_base_pair_step.tilt 
_ndb_struct_na_base_pair_step.roll 
_ndb_struct_na_base_pair_step.twist 
_ndb_struct_na_base_pair_step.x_displacement 
_ndb_struct_na_base_pair_step.y_displacement 
_ndb_struct_na_base_pair_step.helical_rise 
_ndb_struct_na_base_pair_step.inclination 
_ndb_struct_na_base_pair_step.tip 
_ndb_struct_na_base_pair_step.helical_twist 
_ndb_struct_na_base_pair_step.step_number 
_ndb_struct_na_base_pair_step.step_name 
_ndb_struct_na_base_pair_step.i_auth_asym_id_1 
_ndb_struct_na_base_pair_step.i_auth_seq_id_1 
_ndb_struct_na_base_pair_step.i_PDB_ins_code_1 
_ndb_struct_na_base_pair_step.j_auth_asym_id_1 
_ndb_struct_na_base_pair_step.j_auth_seq_id_1 
_ndb_struct_na_base_pair_step.j_PDB_ins_code_1 
_ndb_struct_na_base_pair_step.i_auth_asym_id_2 
_ndb_struct_na_base_pair_step.i_auth_seq_id_2 
_ndb_struct_na_base_pair_step.i_PDB_ins_code_2 
_ndb_struct_na_base_pair_step.j_auth_asym_id_2 
_ndb_struct_na_base_pair_step.j_auth_seq_id_2 
_ndb_struct_na_base_pair_step.j_PDB_ins_code_2 
1 A G 1  1_555 A C 27 1_555 A G 2  1_555 A C 26 1_555 -1.144 -0.651 6.007 -6.457  22.567 25.001  -7.620 0.084  4.215 42.134  
12.055  34.164  1  AA_G1G2:C26C27_AA   A 1  ? A 27 ? A 2  ? A 26 ? 
1 A G 2  1_555 A C 26 1_555 A A 3  1_555 A U 25 1_555 -0.197 -1.204 2.613 -0.634  7.552  34.490  -2.838 0.253  2.310 12.550  1.054 
35.288  2  AA_G2A3:U25C26_AA   A 2  ? A 26 ? A 3  ? A 25 ? 
1 A A 3  1_555 A U 25 1_555 A A 4  1_555 A U 24 1_555 1.179  -1.242 3.882 2.310   -8.757 33.826  -0.420 -1.527 4.135 -14.725 
-3.885  34.983  3  AA_A3A4:U24U25_AA   A 3  ? A 25 ? A 4  ? A 24 ? 
1 A A 4  1_555 A U 24 1_555 A G 5  1_555 A C 23 1_555 0.428  -1.316 5.087 5.236   1.873  29.514  -3.140 0.847  4.996 3.635   
-10.164 30.022  4  AA_A4G5:C23U24_AA   A 4  ? A 24 ? A 5  ? A 23 ? 
1 A G 5  1_555 A C 23 1_555 A U 6  1_555 A G 22 1_555 0.875  -0.874 3.150 -1.454  20.376 42.045  -2.664 -1.218 2.469 26.601  1.898 
46.542  5  AA_G5U6:G22C23_AA   A 5  ? A 23 ? A 6  ? A 22 ? 
1 A U 6  1_555 A G 22 1_555 A C 8  1_555 A G 21 1_555 0.268  -0.568 2.824 11.200  22.539 20.070  -4.346 1.164  1.478 46.590  
-23.151 32.089  6  AA_U6C8:G21G22_AA   A 6  ? A 22 ? A 8  ? A 21 ? 
1 A C 8  1_555 A G 21 1_555 A G 9  1_555 A C 20 1_555 -0.274 -1.461 4.047 -7.437  0.818  32.204  -2.740 -1.083 3.973 1.451   
13.185  33.039  7  AA_C8G9:C20G21_AA   A 8  ? A 21 ? A 9  ? A 20 ? 
1 A G 9  1_555 A C 20 1_555 A G 10 1_555 A C 19 1_555 0.746  -0.747 4.193 9.125   12.604 33.991  -3.300 0.378  3.766 20.293  
-14.692 37.288  8  AA_G9G10:C19C20_AA  A 9  ? A 20 ? A 10 ? A 19 ? 
1 A G 10 1_555 A C 19 1_555 A U 11 1_555 A A 18 1_555 -0.683 -1.004 3.364 -3.685  9.598  33.067  -3.169 0.580  3.020 16.378  6.287 
34.585  9  AA_G10U11:A18C19_AA A 10 ? A 19 ? A 11 ? A 18 ? 
1 A U 11 1_555 A A 18 1_555 A C 12 1_555 A G 17 1_555 -0.356 -0.911 3.230 -1.510  20.009 31.912  -3.818 0.372  2.299 32.672  2.466 
37.557  10 AA_U11C12:G17A18_AA A 11 ? A 18 ? A 12 ? A 17 ? 
1 A C 12 1_555 A G 17 1_555 A U 13 1_555 A G 16 1_555 1.077  -0.765 3.208 -13.066 -1.808 103.752 -0.459 -0.860 3.108 -1.146  8.282 
104.346 11 AA_C12U13:G16G17_AA A 12 ? A 17 ? A 13 ? A 16 ? 
# 
_pdbx_nmr_spectrometer.spectrometer_id   1 
_pdbx_nmr_spectrometer.model             DMX 
_pdbx_nmr_spectrometer.manufacturer      Bruker 
_pdbx_nmr_spectrometer.field_strength    600 
# 
_atom_sites.entry_id                    2CD3 
_atom_sites.fract_transf_matrix[1][1]   1.000000 
_atom_sites.fract_transf_matrix[1][2]   0.000000 
_atom_sites.fract_transf_matrix[1][3]   0.000000 
_atom_sites.fract_transf_matrix[2][1]   0.000000 
_atom_sites.fract_transf_matrix[2][2]   1.000000 
_atom_sites.fract_transf_matrix[2][3]   0.000000 
_atom_sites.fract_transf_matrix[3][1]   0.000000 
_atom_sites.fract_transf_matrix[3][2]   0.000000 
_atom_sites.fract_transf_matrix[3][3]   1.000000 
_atom_sites.fract_transf_vector[1]      0.00000 
_atom_sites.fract_transf_vector[2]      0.00000 
_atom_sites.fract_transf_vector[3]      0.00000 
# 
loop_
_atom_type.symbol 
C 
H 
N 
O 
P 
# 
loop_
_atom_site.group_PDB 
_atom_site.id 
_atom_site.type_symbol 
_atom_site.label_atom_id 
_atom_site.label_alt_id 
_atom_site.label_comp_id 
_atom_site.label_asym_id 
_atom_site.label_entity_id 
_atom_site.label_seq_id 
_atom_site.pdbx_PDB_ins_code 
_atom_site.Cartn_x 
_atom_site.Cartn_y 
_atom_site.Cartn_z 
_atom_site.occupancy 
_atom_site.B_iso_or_equiv 
_atom_site.pdbx_formal_charge 
_atom_site.auth_seq_id 
_atom_site.auth_comp_id 
_atom_site.auth_asym_id 
_atom_site.auth_atom_id 
_atom_site.pdbx_PDB_model_num 
ATOM 1   O "O5'"  . G A 1 1  ? 12.886  -15.638 -4.378  1.00 0.00 ? 1  G A "O5'"  1 
ATOM 2   C "C5'"  . G A 1 1  ? 13.533  -14.813 -5.350  1.00 0.00 ? 1  G A "C5'"  1 
ATOM 3   C "C4'"  . G A 1 1  ? 12.527  -13.987 -6.144  1.00 0.00 ? 1  G A "C4'"  1 
ATOM 4   O "O4'"  . G A 1 1  ? 11.723  -14.862 -6.936  1.00 0.00 ? 1  G A "O4'"  1 
ATOM 5   C "C3'"  . G A 1 1  ? 11.525  -13.223 -5.298  1.00 0.00 ? 1  G A "C3'"  1 
ATOM 6   O "O3'"  . G A 1 1  ? 12.053  -11.905 -5.122  1.00 0.00 ? 1  G A "O3'"  1 
ATOM 7   C "C2'"  . G A 1 1  ? 10.309  -13.096 -6.201  1.00 0.00 ? 1  G A "C2'"  1 
ATOM 8   O "O2'"  . G A 1 1  ? 10.407  -11.920 -7.004  1.00 0.00 ? 1  G A "O2'"  1 
ATOM 9   C "C1'"  . G A 1 1  ? 10.390  -14.347 -7.076  1.00 0.00 ? 1  G A "C1'"  1 
ATOM 10  N N9     . G A 1 1  ? 9.431   -15.388 -6.656  1.00 0.00 ? 1  G A N9     1 
ATOM 11  C C8     . G A 1 1  ? 8.996   -15.693 -5.392  1.00 0.00 ? 1  G A C8     1 
ATOM 12  N N7     . G A 1 1  ? 8.130   -16.668 -5.356  1.00 0.00 ? 1  G A N7     1 
ATOM 13  C C5     . G A 1 1  ? 7.981   -17.034 -6.689  1.00 0.00 ? 1  G A C5     1 
ATOM 14  C C6     . G A 1 1  ? 7.166   -18.043 -7.272  1.00 0.00 ? 1  G A C6     1 
ATOM 15  O O6     . G A 1 1  ? 6.401   -18.823 -6.711  1.00 0.00 ? 1  G A O6     1 
ATOM 16  N N1     . G A 1 1  ? 7.311   -18.083 -8.650  1.00 0.00 ? 1  G A N1     1 
ATOM 17  C C2     . G A 1 1  ? 8.137   -17.260 -9.382  1.00 0.00 ? 1  G A C2     1 
ATOM 18  N N2     . G A 1 1  ? 8.157   -17.442 -10.702 1.00 0.00 ? 1  G A N2     1 
ATOM 19  N N3     . G A 1 1  ? 8.906   -16.310 -8.845  1.00 0.00 ? 1  G A N3     1 
ATOM 20  C C4     . G A 1 1  ? 8.776   -16.255 -7.496  1.00 0.00 ? 1  G A C4     1 
ATOM 21  H "H5'"  . G A 1 1  ? 14.094  -15.446 -6.037  1.00 0.00 ? 1  G A "H5'"  1 
ATOM 22  H "H5''" . G A 1 1  ? 14.224  -14.140 -4.842  1.00 0.00 ? 1  G A "H5''" 1 
ATOM 23  H "H4'"  . G A 1 1  ? 13.068  -13.309 -6.804  1.00 0.00 ? 1  G A "H4'"  1 
ATOM 24  H "H3'"  . G A 1 1  ? 11.303  -13.701 -4.346  1.00 0.00 ? 1  G A "H3'"  1 
ATOM 25  H "H2'"  . G A 1 1  ? 9.393   -13.098 -5.616  1.00 0.00 ? 1  G A "H2'"  1 
ATOM 26  H "HO2'" . G A 1 1  ? 11.045  -12.100 -7.699  1.00 0.00 ? 1  G A "HO2'" 1 
ATOM 27  H "H1'"  . G A 1 1  ? 10.208  -14.094 -8.120  1.00 0.00 ? 1  G A "H1'"  1 
ATOM 28  H H8     . G A 1 1  ? 9.336   -15.165 -4.501  1.00 0.00 ? 1  G A H8     1 
ATOM 29  H H1     . G A 1 1  ? 6.763   -18.769 -9.151  1.00 0.00 ? 1  G A H1     1 
ATOM 30  H H21    . G A 1 1  ? 7.635   -18.200 -11.115 1.00 0.00 ? 1  G A H21    1 
ATOM 31  H H22    . G A 1 1  ? 8.697   -16.821 -11.289 1.00 0.00 ? 1  G A H22    1 
ATOM 32  H "HO5'" . G A 1 1  ? 13.107  -16.549 -4.585  1.00 0.00 ? 1  G A "HO5'" 1 
ATOM 33  P P      . G A 1 2  ? 11.208  -10.778 -4.340  1.00 0.00 ? 2  G A P      1 
ATOM 34  O OP1    . G A 1 2  ? 12.162  -9.821  -3.734  1.00 0.00 ? 2  G A OP1    1 
ATOM 35  O OP2    . G A 1 2  ? 10.205  -11.458 -3.490  1.00 0.00 ? 2  G A OP2    1 
ATOM 36  O "O5'"  . G A 1 2  ? 10.432  -10.027 -5.534  1.00 0.00 ? 2  G A "O5'"  1 
ATOM 37  C "C5'"  . G A 1 2  ? 11.079  -9.001  -6.292  1.00 0.00 ? 2  G A "C5'"  1 
ATOM 38  C "C4'"  . G A 1 2  ? 10.329  -8.709  -7.589  1.00 0.00 ? 2  G A "C4'"  1 
ATOM 39  O "O4'"  . G A 1 2  ? 9.892   -9.947  -8.158  1.00 0.00 ? 2  G A "O4'"  1 
ATOM 40  C "C3'"  . G A 1 2  ? 9.054   -7.899  -7.414  1.00 0.00 ? 2  G A "C3'"  1 
ATOM 41  O "O3'"  . G A 1 2  ? 9.386   -6.532  -7.665  1.00 0.00 ? 2  G A "O3'"  1 
ATOM 42  C "C2'"  . G A 1 2  ? 8.179   -8.368  -8.565  1.00 0.00 ? 2  G A "C2'"  1 
ATOM 43  O "O2'"  . G A 1 2  ? 8.528   -7.684  -9.771  1.00 0.00 ? 2  G A "O2'"  1 
ATOM 44  C "C1'"  . G A 1 2  ? 8.550   -9.845  -8.658  1.00 0.00 ? 2  G A "C1'"  1 
ATOM 45  N N9     . G A 1 2  ? 7.680   -10.690 -7.822  1.00 0.00 ? 2  G A N9     1 
ATOM 46  C C8     . G A 1 2  ? 7.905   -11.144 -6.550  1.00 0.00 ? 2  G A C8     1 
ATOM 47  N N7     . G A 1 2  ? 6.936   -11.875 -6.074  1.00 0.00 ? 2  G A N7     1 
ATOM 48  C C5     . G A 1 2  ? 6.003   -11.909 -7.104  1.00 0.00 ? 2  G A C5     1 
ATOM 49  C C6     . G A 1 2  ? 4.739   -12.555 -7.167  1.00 0.00 ? 2  G A C6     1 
ATOM 50  O O6     . G A 1 2  ? 4.188   -13.240 -6.307  1.00 0.00 ? 2  G A O6     1 
ATOM 51  N N1     . G A 1 2  ? 4.115   -12.339 -8.385  1.00 0.00 ? 2  G A N1     1 
ATOM 52  C C2     . G A 1 2  ? 4.636   -11.595 -9.419  1.00 0.00 ? 2  G A C2     1 
ATOM 53  N N2     . G A 1 2  ? 3.895   -11.494 -10.522 1.00 0.00 ? 2  G A N2     1 
ATOM 54  N N3     . G A 1 2  ? 5.823   -10.982 -9.371  1.00 0.00 ? 2  G A N3     1 
ATOM 55  C C4     . G A 1 2  ? 6.448   -11.184 -8.184  1.00 0.00 ? 2  G A C4     1 
ATOM 56  H "H5'"  . G A 1 2  ? 12.094  -9.320  -6.530  1.00 0.00 ? 2  G A "H5'"  1 
ATOM 57  H "H5''" . G A 1 2  ? 11.122  -8.090  -5.694  1.00 0.00 ? 2  G A "H5''" 1 
ATOM 58  H "H4'"  . G A 1 2  ? 11.005  -8.215  -8.288  1.00 0.00 ? 2  G A "H4'"  1 
ATOM 59  H "H3'"  . G A 1 2  ? 8.590   -8.031  -6.436  1.00 0.00 ? 2  G A "H3'"  1 
ATOM 60  H "H2'"  . G A 1 2  ? 7.123   -8.243  -8.331  1.00 0.00 ? 2  G A "H2'"  1 
ATOM 61  H "HO2'" . G A 1 2  ? 8.153   -8.183  -10.501 1.00 0.00 ? 2  G A "HO2'" 1 
ATOM 62  H "H1'"  . G A 1 2  ? 8.518   -10.198 -9.686  1.00 0.00 ? 2  G A "H1'"  1 
ATOM 63  H H8     . G A 1 2  ? 8.815   -10.921 -5.992  1.00 0.00 ? 2  G A H8     1 
ATOM 64  H H1     . G A 1 2  ? 3.211   -12.768 -8.519  1.00 0.00 ? 2  G A H1     1 
ATOM 65  H H21    . G A 1 2  ? 3.020   -11.995 -10.590 1.00 0.00 ? 2  G A H21    1 
ATOM 66  H H22    . G A 1 2  ? 4.208   -10.918 -11.290 1.00 0.00 ? 2  G A H22    1 
ATOM 67  P P      . A A 1 3  ? 8.579   -5.349  -6.930  1.00 0.00 ? 3  A A P      1 
ATOM 68  O OP1    . A A 1 3  ? 9.209   -4.061  -7.295  1.00 0.00 ? 3  A A OP1    1 
ATOM 69  O OP2    . A A 1 3  ? 8.418   -5.714  -5.504  1.00 0.00 ? 3  A A OP2    1 
ATOM 70  O "O5'"  . A A 1 3  ? 7.133   -5.420  -7.635  1.00 0.00 ? 3  A A "O5'"  1 
ATOM 71  C "C5'"  . A A 1 3  ? 6.984   -5.075  -9.014  1.00 0.00 ? 3  A A "C5'"  1 
ATOM 72  C "C4'"  . A A 1 3  ? 5.564   -5.329  -9.507  1.00 0.00 ? 3  A A "C4'"  1 
ATOM 73  O "O4'"  . A A 1 3  ? 5.324   -6.739  -9.569  1.00 0.00 ? 3  A A "O4'"  1 
ATOM 74  C "C3'"  . A A 1 3  ? 4.467   -4.821  -8.592  1.00 0.00 ? 3  A A "C3'"  1 
ATOM 75  O "O3'"  . A A 1 3  ? 4.163   -3.483  -8.995  1.00 0.00 ? 3  A A "O3'"  1 
ATOM 76  C "C2'"  . A A 1 3  ? 3.280   -5.688  -8.977  1.00 0.00 ? 3  A A "C2'"  1 
ATOM 77  O "O2'"  . A A 1 3  ? 2.649   -5.179  -10.155 1.00 0.00 ? 3  A A "O2'"  1 
ATOM 78  C "C1'"  . A A 1 3  ? 3.949   -7.033  -9.264  1.00 0.00 ? 3  A A "C1'"  1 
ATOM 79  N N9     . A A 1 3  ? 3.903   -7.940  -8.101  1.00 0.00 ? 3  A A N9     1 
ATOM 80  C C8     . A A 1 3  ? 4.729   -7.976  -7.005  1.00 0.00 ? 3  A A C8     1 
ATOM 81  N N7     . A A 1 3  ? 4.416   -8.905  -6.145  1.00 0.00 ? 3  A A N7     1 
ATOM 82  C C5     . A A 1 3  ? 3.309   -9.526  -6.713  1.00 0.00 ? 3  A A C5     1 
ATOM 83  C C6     . A A 1 3  ? 2.500   -10.596 -6.296  1.00 0.00 ? 3  A A C6     1 
ATOM 84  N N6     . A A 1 3  ? 2.689   -11.263 -5.158  1.00 0.00 ? 3  A A N6     1 
ATOM 85  N N1     . A A 1 3  ? 1.484   -10.958 -7.095  1.00 0.00 ? 3  A A N1     1 
ATOM 86  C C2     . A A 1 3  ? 1.289   -10.300 -8.231  1.00 0.00 ? 3  A A C2     1 
ATOM 87  N N3     . A A 1 3  ? 1.974   -9.284  -8.733  1.00 0.00 ? 3  A A N3     1 
ATOM 88  C C4     . A A 1 3  ? 2.986   -8.945  -7.906  1.00 0.00 ? 3  A A C4     1 
ATOM 89  H "H5'"  . A A 1 3  ? 7.678   -5.670  -9.607  1.00 0.00 ? 3  A A "H5'"  1 
ATOM 90  H "H5''" . A A 1 3  ? 7.221   -4.019  -9.143  1.00 0.00 ? 3  A A "H5''" 1 
ATOM 91  H "H4'"  . A A 1 3  ? 5.455   -4.907  -10.506 1.00 0.00 ? 3  A A "H4'"  1 
ATOM 92  H "H3'"  . A A 1 3  ? 4.722   -4.879  -7.534  1.00 0.00 ? 3  A A "H3'"  1 
ATOM 93  H "H2'"  . A A 1 3  ? 2.573   -5.771  -8.155  1.00 0.00 ? 3  A A "H2'"  1 
ATOM 94  H "HO2'" . A A 1 3  ? 3.284   -5.251  -10.872 1.00 0.00 ? 3  A A "HO2'" 1 
ATOM 95  H "H1'"  . A A 1 3  ? 3.485   -7.521  -10.120 1.00 0.00 ? 3  A A "H1'"  1 
ATOM 96  H H8     . A A 1 3  ? 5.565   -7.290  -6.867  1.00 0.00 ? 3  A A H8     1 
ATOM 97  H H61    . A A 1 3  ? 2.060   -12.010 -4.901  1.00 0.00 ? 3  A A H61    1 
ATOM 98  H H62    . A A 1 3  ? 3.461   -11.023 -4.554  1.00 0.00 ? 3  A A H62    1 
ATOM 99  H H2     . A A 1 3  ? 0.447   -10.643 -8.834  1.00 0.00 ? 3  A A H2     1 
ATOM 100 P P      . A A 1 4  ? 3.243   -2.544  -8.065  1.00 0.00 ? 4  A A P      1 
ATOM 101 O OP1    . A A 1 4  ? 3.039   -1.256  -8.766  1.00 0.00 ? 4  A A OP1    1 
ATOM 102 O OP2    . A A 1 4  ? 3.802   -2.559  -6.696  1.00 0.00 ? 4  A A OP2    1 
ATOM 103 O "O5'"  . A A 1 4  ? 1.841   -3.334  -8.047  1.00 0.00 ? 4  A A "O5'"  1 
ATOM 104 C "C5'"  . A A 1 4  ? 1.009   -3.360  -9.210  1.00 0.00 ? 4  A A "C5'"  1 
ATOM 105 C "C4'"  . A A 1 4  ? -0.227  -4.227  -8.999  1.00 0.00 ? 4  A A "C4'"  1 
ATOM 106 O "O4'"  . A A 1 4  ? 0.175   -5.557  -8.660  1.00 0.00 ? 4  A A "O4'"  1 
ATOM 107 C "C3'"  . A A 1 4  ? -1.111  -3.809  -7.838  1.00 0.00 ? 4  A A "C3'"  1 
ATOM 108 O "O3'"  . A A 1 4  ? -2.086  -2.899  -8.353  1.00 0.00 ? 4  A A "O3'"  1 
ATOM 109 C "C2'"  . A A 1 4  ? -1.837  -5.097  -7.487  1.00 0.00 ? 4  A A "C2'"  1 
ATOM 110 O "O2'"  . A A 1 4  ? -2.951  -5.300  -8.359  1.00 0.00 ? 4  A A "O2'"  1 
ATOM 111 C "C1'"  . A A 1 4  ? -0.759  -6.152  -7.741  1.00 0.00 ? 4  A A "C1'"  1 
ATOM 112 N N9     . A A 1 4  ? -0.039  -6.524  -6.508  1.00 0.00 ? 4  A A N9     1 
ATOM 113 C C8     . A A 1 4  ? 1.008   -5.882  -5.897  1.00 0.00 ? 4  A A C8     1 
ATOM 114 N N7     . A A 1 4  ? 1.420   -6.472  -4.809  1.00 0.00 ? 4  A A N7     1 
ATOM 115 C C5     . A A 1 4  ? 0.586   -7.579  -4.695  1.00 0.00 ? 4  A A C5     1 
ATOM 116 C C6     . A A 1 4  ? 0.504   -8.614  -3.750  1.00 0.00 ? 4  A A C6     1 
ATOM 117 N N6     . A A 1 4  ? 1.306   -8.709  -2.690  1.00 0.00 ? 4  A A N6     1 
ATOM 118 N N1     . A A 1 4  ? -0.437  -9.553  -3.932  1.00 0.00 ? 4  A A N1     1 
ATOM 119 C C2     . A A 1 4  ? -1.240  -9.466  -4.985  1.00 0.00 ? 4  A A C2     1 
ATOM 120 N N3     . A A 1 4  ? -1.266  -8.548  -5.940  1.00 0.00 ? 4  A A N3     1 
ATOM 121 C C4     . A A 1 4  ? -0.308  -7.621  -5.725  1.00 0.00 ? 4  A A C4     1 
ATOM 122 H "H5'"  . A A 1 4  ? 1.583   -3.756  -10.048 1.00 0.00 ? 4  A A "H5'"  1 
ATOM 123 H "H5''" . A A 1 4  ? 0.694   -2.342  -9.444  1.00 0.00 ? 4  A A "H5''" 1 
ATOM 124 H "H4'"  . A A 1 4  ? -0.801  -4.255  -9.925  1.00 0.00 ? 4  A A "H4'"  1 
ATOM 125 H "H3'"  . A A 1 4  ? -0.556  -3.381  -7.003  1.00 0.00 ? 4  A A "H3'"  1 
ATOM 126 H "H2'"  . A A 1 4  ? -2.147  -5.099  -6.444  1.00 0.00 ? 4  A A "H2'"  1 
ATOM 127 H "HO2'" . A A 1 4  ? -2.898  -6.200  -8.685  1.00 0.00 ? 4  A A "HO2'" 1 
ATOM 128 H "H1'"  . A A 1 4  ? -1.189  -7.045  -8.190  1.00 0.00 ? 4  A A "H1'"  1 
ATOM 129 H H8     . A A 1 4  ? 1.453   -4.965  -6.285  1.00 0.00 ? 4  A A H8     1 
ATOM 130 H H61    . A A 1 4  ? 1.196   -9.474  -2.039  1.00 0.00 ? 4  A A H61    1 
ATOM 131 H H62    . A A 1 4  ? 2.025   -8.017  -2.536  1.00 0.00 ? 4  A A H62    1 
ATOM 132 H H2     . A A 1 4  ? -1.983  -10.259 -5.075  1.00 0.00 ? 4  A A H2     1 
ATOM 133 P P      . G A 1 5  ? -2.998  -2.031  -7.351  1.00 0.00 ? 5  G A P      1 
ATOM 134 O OP1    . G A 1 5  ? -3.899  -1.183  -8.162  1.00 0.00 ? 5  G A OP1    1 
ATOM 135 O OP2    . G A 1 5  ? -2.113  -1.409  -6.340  1.00 0.00 ? 5  G A OP2    1 
ATOM 136 O "O5'"  . G A 1 5  ? -3.887  -3.156  -6.620  1.00 0.00 ? 5  G A "O5'"  1 
ATOM 137 C "C5'"  . G A 1 5  ? -4.896  -3.864  -7.345  1.00 0.00 ? 5  G A "C5'"  1 
ATOM 138 C "C4'"  . G A 1 5  ? -5.458  -5.029  -6.536  1.00 0.00 ? 5  G A "C4'"  1 
ATOM 139 O "O4'"  . G A 1 5  ? -4.384  -5.764  -5.952  1.00 0.00 ? 5  G A "O4'"  1 
ATOM 140 C "C3'"  . G A 1 5  ? -6.312  -4.626  -5.351  1.00 0.00 ? 5  G A "C3'"  1 
ATOM 141 O "O3'"  . G A 1 5  ? -7.665  -4.575  -5.810  1.00 0.00 ? 5  G A "O3'"  1 
ATOM 142 C "C2'"  . G A 1 5  ? -6.201  -5.823  -4.415  1.00 0.00 ? 5  G A "C2'"  1 
ATOM 143 O "O2'"  . G A 1 5  ? -7.180  -6.810  -4.750  1.00 0.00 ? 5  G A "O2'"  1 
ATOM 144 C "C1'"  . G A 1 5  ? -4.790  -6.349  -4.704  1.00 0.00 ? 5  G A "C1'"  1 
ATOM 145 N N9     . G A 1 5  ? -3.822  -5.961  -3.660  1.00 0.00 ? 5  G A N9     1 
ATOM 146 C C8     . G A 1 5  ? -2.962  -4.892  -3.645  1.00 0.00 ? 5  G A C8     1 
ATOM 147 N N7     . G A 1 5  ? -2.219  -4.832  -2.575  1.00 0.00 ? 5  G A N7     1 
ATOM 148 C C5     . G A 1 5  ? -2.611  -5.938  -1.830  1.00 0.00 ? 5  G A C5     1 
ATOM 149 C C6     . G A 1 5  ? -2.149  -6.397  -0.564  1.00 0.00 ? 5  G A C6     1 
ATOM 150 O O6     . G A 1 5  ? -1.284  -5.904  0.157   1.00 0.00 ? 5  G A O6     1 
ATOM 151 N N1     . G A 1 5  ? -2.807  -7.551  -0.168  1.00 0.00 ? 5  G A N1     1 
ATOM 152 C C2     . G A 1 5  ? -3.788  -8.188  -0.892  1.00 0.00 ? 5  G A C2     1 
ATOM 153 N N2     . G A 1 5  ? -4.318  -9.288  -0.355  1.00 0.00 ? 5  G A N2     1 
ATOM 154 N N3     . G A 1 5  ? -4.228  -7.768  -2.082  1.00 0.00 ? 5  G A N3     1 
ATOM 155 C C4     . G A 1 5  ? -3.595  -6.638  -2.486  1.00 0.00 ? 5  G A C4     1 
ATOM 156 H "H5'"  . G A 1 5  ? -4.465  -4.248  -8.270  1.00 0.00 ? 5  G A "H5'"  1 
ATOM 157 H "H5''" . G A 1 5  ? -5.706  -3.177  -7.589  1.00 0.00 ? 5  G A "H5''" 1 
ATOM 158 H "H4'"  . G A 1 5  ? -6.016  -5.686  -7.204  1.00 0.00 ? 5  G A "H4'"  1 
ATOM 159 H "H3'"  . G A 1 5  ? -6.002  -3.687  -4.893  1.00 0.00 ? 5  G A "H3'"  1 
ATOM 160 H "H2'"  . G A 1 5  ? -6.296  -5.513  -3.374  1.00 0.00 ? 5  G A "H2'"  1 
ATOM 161 H "HO2'" . G A 1 5  ? -6.729  -7.503  -5.238  1.00 0.00 ? 5  G A "HO2'" 1 
ATOM 162 H "H1'"  . G A 1 5  ? -4.795  -7.434  -4.800  1.00 0.00 ? 5  G A "H1'"  1 
ATOM 163 H H8     . G A 1 5  ? -2.907  -4.159  -4.449  1.00 0.00 ? 5  G A H8     1 
ATOM 164 H H1     . G A 1 5  ? -2.535  -7.956  0.716   1.00 0.00 ? 5  G A H1     1 
ATOM 165 H H21    . G A 1 5  ? -4.050  -9.574  0.576   1.00 0.00 ? 5  G A H21    1 
ATOM 166 H H22    . G A 1 5  ? -4.987  -9.834  -0.879  1.00 0.00 ? 5  G A H22    1 
ATOM 167 P P      . U A 1 6  ? -8.764  -3.707  -5.018  1.00 0.00 ? 6  U A P      1 
ATOM 168 O OP1    . U A 1 6  ? -10.103 -4.250  -5.339  1.00 0.00 ? 6  U A OP1    1 
ATOM 169 O OP2    . U A 1 6  ? -8.475  -2.273  -5.245  1.00 0.00 ? 6  U A OP2    1 
ATOM 170 O "O5'"  . U A 1 6  ? -8.437  -4.049  -3.480  1.00 0.00 ? 6  U A "O5'"  1 
ATOM 171 C "C5'"  . U A 1 6  ? -8.997  -5.209  -2.859  1.00 0.00 ? 6  U A "C5'"  1 
ATOM 172 C "C4'"  . U A 1 6  ? -8.643  -5.277  -1.378  1.00 0.00 ? 6  U A "C4'"  1 
ATOM 173 O "O4'"  . U A 1 6  ? -7.246  -5.491  -1.237  1.00 0.00 ? 6  U A "O4'"  1 
ATOM 174 C "C3'"  . U A 1 6  ? -8.880  -3.994  -0.608  1.00 0.00 ? 6  U A "C3'"  1 
ATOM 175 O "O3'"  . U A 1 6  ? -10.193 -4.080  -0.048  1.00 0.00 ? 6  U A "O3'"  1 
ATOM 176 C "C2'"  . U A 1 6  ? -7.890  -4.071  0.557   1.00 0.00 ? 6  U A "C2'"  1 
ATOM 177 O "O2'"  . U A 1 6  ? -8.536  -4.596  1.720   1.00 0.00 ? 6  U A "O2'"  1 
ATOM 178 C "C1'"  . U A 1 6  ? -6.817  -5.051  0.056   1.00 0.00 ? 6  U A "C1'"  1 
ATOM 179 N N1     . U A 1 6  ? -5.489  -4.404  -0.086  1.00 0.00 ? 6  U A N1     1 
ATOM 180 C C2     . U A 1 6  ? -4.567  -4.568  0.939   1.00 0.00 ? 6  U A C2     1 
ATOM 181 O O2     . U A 1 6  ? -4.815  -5.219  1.951   1.00 0.00 ? 6  U A O2     1 
ATOM 182 N N3     . U A 1 6  ? -3.342  -3.954  0.757   1.00 0.00 ? 6  U A N3     1 
ATOM 183 C C4     . U A 1 6  ? -2.963  -3.202  -0.339  1.00 0.00 ? 6  U A C4     1 
ATOM 184 O O4     . U A 1 6  ? -1.840  -2.707  -0.386  1.00 0.00 ? 6  U A O4     1 
ATOM 185 C C5     . U A 1 6  ? -3.976  -3.076  -1.362  1.00 0.00 ? 6  U A C5     1 
ATOM 186 C C6     . U A 1 6  ? -5.186  -3.671  -1.204  1.00 0.00 ? 6  U A C6     1 
ATOM 187 H "H5'"  . U A 1 6  ? -8.616  -6.100  -3.358  1.00 0.00 ? 6  U A "H5'"  1 
ATOM 188 H "H5''" . U A 1 6  ? -10.082 -5.180  -2.965  1.00 0.00 ? 6  U A "H5''" 1 
ATOM 189 H "H4'"  . U A 1 6  ? -9.181  -6.107  -0.920  1.00 0.00 ? 6  U A "H4'"  1 
ATOM 190 H "H3'"  . U A 1 6  ? -8.758  -3.100  -1.217  1.00 0.00 ? 6  U A "H3'"  1 
ATOM 191 H "H2'"  . U A 1 6  ? -7.455  -3.092  0.761   1.00 0.00 ? 6  U A "H2'"  1 
ATOM 192 H "HO2'" . U A 1 6  ? -8.422  -3.953  2.425   1.00 0.00 ? 6  U A "HO2'" 1 
ATOM 193 H "H1'"  . U A 1 6  ? -6.744  -5.915  0.719   1.00 0.00 ? 6  U A "H1'"  1 
ATOM 194 H H3     . U A 1 6  ? -2.660  -4.066  1.494   1.00 0.00 ? 6  U A H3     1 
ATOM 195 H H5     . U A 1 6  ? -3.768  -2.501  -2.265  1.00 0.00 ? 6  U A H5     1 
ATOM 196 H H6     . U A 1 6  ? -5.938  -3.558  -1.984  1.00 0.00 ? 6  U A H6     1 
ATOM 197 P P      . U A 1 7  ? -11.425 -3.306  -0.734  1.00 0.00 ? 7  U A P      1 
ATOM 198 O OP1    . U A 1 7  ? -12.683 -3.865  -0.192  1.00 0.00 ? 7  U A OP1    1 
ATOM 199 O OP2    . U A 1 7  ? -11.200 -3.279  -2.198  1.00 0.00 ? 7  U A OP2    1 
ATOM 200 O "O5'"  . U A 1 7  ? -11.255 -1.807  -0.168  1.00 0.00 ? 7  U A "O5'"  1 
ATOM 201 C "C5'"  . U A 1 7  ? -10.723 -0.766  -0.995  1.00 0.00 ? 7  U A "C5'"  1 
ATOM 202 C "C4'"  . U A 1 7  ? -9.230  -0.546  -0.726  1.00 0.00 ? 7  U A "C4'"  1 
ATOM 203 O "O4'"  . U A 1 7  ? -8.489  -0.955  -1.867  1.00 0.00 ? 7  U A "O4'"  1 
ATOM 204 C "C3'"  . U A 1 7  ? -8.804  0.901   -0.513  1.00 0.00 ? 7  U A "C3'"  1 
ATOM 205 O "O3'"  . U A 1 7  ? -8.728  1.108   0.900   1.00 0.00 ? 7  U A "O3'"  1 
ATOM 206 C "C2'"  . U A 1 7  ? -7.370  0.969   -1.036  1.00 0.00 ? 7  U A "C2'"  1 
ATOM 207 O "O2'"  . U A 1 7  ? -6.450  0.946   0.056   1.00 0.00 ? 7  U A "O2'"  1 
ATOM 208 C "C1'"  . U A 1 7  ? -7.219  -0.297  -1.888  1.00 0.00 ? 7  U A "C1'"  1 
ATOM 209 N N1     . U A 1 7  ? -6.871  0.021   -3.291  1.00 0.00 ? 7  U A N1     1 
ATOM 210 C C2     . U A 1 7  ? -7.903  0.378   -4.142  1.00 0.00 ? 7  U A C2     1 
ATOM 211 O O2     . U A 1 7  ? -9.076  0.426   -3.777  1.00 0.00 ? 7  U A O2     1 
ATOM 212 N N3     . U A 1 7  ? -7.539  0.686   -5.439  1.00 0.00 ? 7  U A N3     1 
ATOM 213 C C4     . U A 1 7  ? -6.255  0.668   -5.951  1.00 0.00 ? 7  U A C4     1 
ATOM 214 O O4     . U A 1 7  ? -6.058  0.967   -7.127  1.00 0.00 ? 7  U A O4     1 
ATOM 215 C C5     . U A 1 7  ? -5.235  0.286   -5.004  1.00 0.00 ? 7  U A C5     1 
ATOM 216 C C6     . U A 1 7  ? -5.570  -0.021  -3.727  1.00 0.00 ? 7  U A C6     1 
ATOM 217 H "H5'"  . U A 1 7  ? -11.273 0.154   -0.796  1.00 0.00 ? 7  U A "H5'"  1 
ATOM 218 H "H5''" . U A 1 7  ? -10.857 -1.037  -2.043  1.00 0.00 ? 7  U A "H5''" 1 
ATOM 219 H "H4'"  . U A 1 7  ? -8.932  -1.161  0.122   1.00 0.00 ? 7  U A "H4'"  1 
ATOM 220 H "H3'"  . U A 1 7  ? -9.469  1.623   -0.991  1.00 0.00 ? 7  U A "H3'"  1 
ATOM 221 H "H2'"  . U A 1 7  ? -7.224  1.857   -1.640  1.00 0.00 ? 7  U A "H2'"  1 
ATOM 222 H "HO2'" . U A 1 7  ? -6.601  1.742   0.573   1.00 0.00 ? 7  U A "HO2'" 1 
ATOM 223 H "H1'"  . U A 1 7  ? -6.466  -0.964  -1.464  1.00 0.00 ? 7  U A "H1'"  1 
ATOM 224 H H3     . U A 1 7  ? -8.281  0.948   -6.072  1.00 0.00 ? 7  U A H3     1 
ATOM 225 H H5     . U A 1 7  ? -4.192  0.247   -5.316  1.00 0.00 ? 7  U A H5     1 
ATOM 226 H H6     . U A 1 7  ? -4.786  -0.312  -3.028  1.00 0.00 ? 7  U A H6     1 
ATOM 227 P P      . C A 1 8  ? -9.472  2.354   1.593   1.00 0.00 ? 8  C A P      1 
ATOM 228 O OP1    . C A 1 8  ? -10.454 2.903   0.630   1.00 0.00 ? 8  C A OP1    1 
ATOM 229 O OP2    . C A 1 8  ? -8.445  3.238   2.187   1.00 0.00 ? 8  C A OP2    1 
ATOM 230 O "O5'"  . C A 1 8  ? -10.281 1.642   2.790   1.00 0.00 ? 8  C A "O5'"  1 
ATOM 231 C "C5'"  . C A 1 8  ? -10.436 0.217   2.822   1.00 0.00 ? 8  C A "C5'"  1 
ATOM 232 C "C4'"  . C A 1 8  ? -9.598  -0.414  3.938   1.00 0.00 ? 8  C A "C4'"  1 
ATOM 233 O "O4'"  . C A 1 8  ? -8.692  -1.372  3.386   1.00 0.00 ? 8  C A "O4'"  1 
ATOM 234 C "C3'"  . C A 1 8  ? -8.674  0.534   4.667   1.00 0.00 ? 8  C A "C3'"  1 
ATOM 235 O "O3'"  . C A 1 8  ? -9.430  1.150   5.712   1.00 0.00 ? 8  C A "O3'"  1 
ATOM 236 C "C2'"  . C A 1 8  ? -7.686  -0.423  5.317   1.00 0.00 ? 8  C A "C2'"  1 
ATOM 237 O "O2'"  . C A 1 8  ? -8.230  -0.960  6.524   1.00 0.00 ? 8  C A "O2'"  1 
ATOM 238 C "C1'"  . C A 1 8  ? -7.550  -1.515  4.252   1.00 0.00 ? 8  C A "C1'"  1 
ATOM 239 N N1     . C A 1 8  ? -6.300  -1.383  3.466   1.00 0.00 ? 8  C A N1     1 
ATOM 240 C C2     . C A 1 8  ? -5.128  -1.839  4.057   1.00 0.00 ? 8  C A C2     1 
ATOM 241 O O2     . C A 1 8  ? -5.154  -2.319  5.189   1.00 0.00 ? 8  C A O2     1 
ATOM 242 N N3     . C A 1 8  ? -3.961  -1.740  3.364   1.00 0.00 ? 8  C A N3     1 
ATOM 243 C C4     . C A 1 8  ? -3.939  -1.212  2.136   1.00 0.00 ? 8  C A C4     1 
ATOM 244 N N4     . C A 1 8  ? -2.765  -1.140  1.509   1.00 0.00 ? 8  C A N4     1 
ATOM 245 C C5     . C A 1 8  ? -5.137  -0.739  1.517   1.00 0.00 ? 8  C A C5     1 
ATOM 246 C C6     . C A 1 8  ? -6.289  -0.838  2.209   1.00 0.00 ? 8  C A C6     1 
ATOM 247 H "H5'"  . C A 1 8  ? -10.124 -0.201  1.867   1.00 0.00 ? 8  C A "H5'"  1 
ATOM 248 H "H5''" . C A 1 8  ? -11.491 -0.017  2.979   1.00 0.00 ? 8  C A "H5''" 1 
ATOM 249 H "H4'"  . C A 1 8  ? -10.257 -0.922  4.646   1.00 0.00 ? 8  C A "H4'"  1 
ATOM 250 H "H3'"  . C A 1 8  ? -8.202  1.269   4.013   1.00 0.00 ? 8  C A "H3'"  1 
ATOM 251 H "H2'"  . C A 1 8  ? -6.730  0.061   5.497   1.00 0.00 ? 8  C A "H2'"  1 
ATOM 252 H "HO2'" . C A 1 8  ? -8.240  -0.253  7.173   1.00 0.00 ? 8  C A "HO2'" 1 
ATOM 253 H "H1'"  . C A 1 8  ? -7.579  -2.500  4.714   1.00 0.00 ? 8  C A "H1'"  1 
ATOM 254 H H41    . C A 1 8  ? -1.937  -1.524  1.942   1.00 0.00 ? 8  C A H41    1 
ATOM 255 H H42    . C A 1 8  ? -2.703  -0.700  0.602   1.00 0.00 ? 8  C A H42    1 
ATOM 256 H H5     . C A 1 8  ? -5.128  -0.305  0.516   1.00 0.00 ? 8  C A H5     1 
ATOM 257 H H6     . C A 1 8  ? -7.217  -0.474  1.762   1.00 0.00 ? 8  C A H6     1 
ATOM 258 P P      . G A 1 9  ? -9.324  2.737   5.967   1.00 0.00 ? 9  G A P      1 
ATOM 259 O OP1    . G A 1 9  ? -10.567 3.183   6.634   1.00 0.00 ? 9  G A OP1    1 
ATOM 260 O OP2    . G A 1 9  ? -8.890  3.380   4.707   1.00 0.00 ? 9  G A OP2    1 
ATOM 261 O "O5'"  . G A 1 9  ? -8.118  2.839   7.027   1.00 0.00 ? 9  G A "O5'"  1 
ATOM 262 C "C5'"  . G A 1 9  ? -8.309  2.413   8.376   1.00 0.00 ? 9  G A "C5'"  1 
ATOM 263 C "C4'"  . G A 1 9  ? -6.993  2.019   9.037   1.00 0.00 ? 9  G A "C4'"  1 
ATOM 264 O "O4'"  . G A 1 9  ? -6.253  1.158   8.168   1.00 0.00 ? 9  G A "O4'"  1 
ATOM 265 C "C3'"  . G A 1 9  ? -6.032  3.162   9.284   1.00 0.00 ? 9  G A "C3'"  1 
ATOM 266 O "O3'"  . G A 1 9  ? -6.356  3.728   10.555  1.00 0.00 ? 9  G A "O3'"  1 
ATOM 267 C "C2'"  . G A 1 9  ? -4.704  2.439   9.431   1.00 0.00 ? 9  G A "C2'"  1 
ATOM 268 O "O2'"  . G A 1 9  ? -4.578  1.882   10.741  1.00 0.00 ? 9  G A "O2'"  1 
ATOM 269 C "C1'"  . G A 1 9  ? -4.839  1.330   8.385   1.00 0.00 ? 9  G A "C1'"  1 
ATOM 270 N N9     . G A 1 9  ? -4.198  1.691   7.106   1.00 0.00 ? 9  G A N9     1 
ATOM 271 C C8     . G A 1 9  ? -4.785  2.075   5.928   1.00 0.00 ? 9  G A C8     1 
ATOM 272 N N7     . G A 1 9  ? -3.932  2.333   4.976   1.00 0.00 ? 9  G A N7     1 
ATOM 273 C C5     . G A 1 9  ? -2.693  2.106   5.564   1.00 0.00 ? 9  G A C5     1 
ATOM 274 C C6     . G A 1 9  ? -1.386  2.224   5.015   1.00 0.00 ? 9  G A C6     1 
ATOM 275 O O6     . G A 1 9  ? -1.065  2.557   3.877   1.00 0.00 ? 9  G A O6     1 
ATOM 276 N N1     . G A 1 9  ? -0.410  1.902   5.944   1.00 0.00 ? 9  G A N1     1 
ATOM 277 C C2     . G A 1 9  ? -0.653  1.514   7.242   1.00 0.00 ? 9  G A C2     1 
ATOM 278 N N2     . G A 1 9  ? 0.407   1.244   8.002   1.00 0.00 ? 9  G A N2     1 
ATOM 279 N N3     . G A 1 9  ? -1.876  1.400   7.768   1.00 0.00 ? 9  G A N3     1 
ATOM 280 C C4     . G A 1 9  ? -2.844  1.711   6.872   1.00 0.00 ? 9  G A C4     1 
ATOM 281 H "H5'"  . G A 1 9  ? -8.981  1.554   8.385   1.00 0.00 ? 9  G A "H5'"  1 
ATOM 282 H "H5''" . G A 1 9  ? -8.763  3.224   8.945   1.00 0.00 ? 9  G A "H5''" 1 
ATOM 283 H "H4'"  . G A 1 9  ? -7.207  1.489   9.965   1.00 0.00 ? 9  G A "H4'"  1 
ATOM 284 H "H3'"  . G A 1 9  ? -6.033  3.910   8.491   1.00 0.00 ? 9  G A "H3'"  1 
ATOM 285 H "H2'"  . G A 1 9  ? -3.868  3.097   9.199   1.00 0.00 ? 9  G A "H2'"  1 
ATOM 286 H "HO2'" . G A 1 9  ? -5.449  1.896   11.143  1.00 0.00 ? 9  G A "HO2'" 1 
ATOM 287 H "H1'"  . G A 1 9  ? -4.413  0.396   8.751   1.00 0.00 ? 9  G A "H1'"  1 
ATOM 288 H H8     . G A 1 9  ? -5.864  2.159   5.799   1.00 0.00 ? 9  G A H8     1 
ATOM 289 H H1     . G A 1 9  ? 0.551   1.950   5.638   1.00 0.00 ? 9  G A H1     1 
ATOM 290 H H21    . G A 1 9  ? 1.338   1.401   7.643   1.00 0.00 ? 9  G A H21    1 
ATOM 291 H H22    . G A 1 9  ? 0.281   0.884   8.938   1.00 0.00 ? 9  G A H22    1 
ATOM 292 P P      . G A 1 10 ? -6.390  5.327   10.747  1.00 0.00 ? 10 G A P      1 
ATOM 293 O OP1    . G A 1 10 ? -6.977  5.623   12.073  1.00 0.00 ? 10 G A OP1    1 
ATOM 294 O OP2    . G A 1 10 ? -6.976  5.927   9.528   1.00 0.00 ? 10 G A OP2    1 
ATOM 295 O "O5'"  . G A 1 10 ? -4.826  5.705   10.793  1.00 0.00 ? 10 G A "O5'"  1 
ATOM 296 C "C5'"  . G A 1 10 ? -4.124  5.719   12.038  1.00 0.00 ? 10 G A "C5'"  1 
ATOM 297 C "C4'"  . G A 1 10 ? -2.649  5.366   11.861  1.00 0.00 ? 10 G A "C4'"  1 
ATOM 298 O "O4'"  . G A 1 10 ? -2.498  4.426   10.790  1.00 0.00 ? 10 G A "O4'"  1 
ATOM 299 C "C3'"  . G A 1 10 ? -1.762  6.518   11.436  1.00 0.00 ? 10 G A "C3'"  1 
ATOM 300 O "O3'"  . G A 1 10 ? -1.322  7.182   12.623  1.00 0.00 ? 10 G A "O3'"  1 
ATOM 301 C "C2'"  . G A 1 10 ? -0.568  5.794   10.844  1.00 0.00 ? 10 G A "C2'"  1 
ATOM 302 O "O2'"  . G A 1 10 ? 0.271   5.275   11.877  1.00 0.00 ? 10 G A "O2'"  1 
ATOM 303 C "C1'"  . G A 1 10 ? -1.261  4.662   10.088  1.00 0.00 ? 10 G A "C1'"  1 
ATOM 304 N N9     . G A 1 10 ? -1.566  5.037   8.695   1.00 0.00 ? 10 G A N9     1 
ATOM 305 C C8     . G A 1 10 ? -2.778  5.352   8.138   1.00 0.00 ? 10 G A C8     1 
ATOM 306 N N7     . G A 1 10 ? -2.712  5.651   6.870   1.00 0.00 ? 10 G A N7     1 
ATOM 307 C C5     . G A 1 10 ? -1.362  5.526   6.565   1.00 0.00 ? 10 G A C5     1 
ATOM 308 C C6     . G A 1 10 ? -0.684  5.727   5.331   1.00 0.00 ? 10 G A C6     1 
ATOM 309 O O6     . G A 1 10 ? -1.158  6.059   4.247   1.00 0.00 ? 10 G A O6     1 
ATOM 310 N N1     . G A 1 10 ? 0.676   5.497   5.453   1.00 0.00 ? 10 G A N1     1 
ATOM 311 C C2     . G A 1 10 ? 1.313   5.122   6.613   1.00 0.00 ? 10 G A C2     1 
ATOM 312 N N2     . G A 1 10 ? 2.635   4.952   6.550   1.00 0.00 ? 10 G A N2     1 
ATOM 313 N N3     . G A 1 10 ? 0.687   4.930   7.779   1.00 0.00 ? 10 G A N3     1 
ATOM 314 C C4     . G A 1 10 ? -0.647  5.149   7.678   1.00 0.00 ? 10 G A C4     1 
ATOM 315 H "H5'"  . G A 1 10 ? -4.587  4.997   12.714  1.00 0.00 ? 10 G A "H5'"  1 
ATOM 316 H "H5''" . G A 1 10 ? -4.200  6.714   12.477  1.00 0.00 ? 10 G A "H5''" 1 
ATOM 317 H "H4'"  . G A 1 10 ? -2.275  4.917   12.783  1.00 0.00 ? 10 G A "H4'"  1 
ATOM 318 H "H3'"  . G A 1 10 ? -2.246  7.201   10.738  1.00 0.00 ? 10 G A "H3'"  1 
ATOM 319 H "H2'"  . G A 1 10 ? -0.011  6.438   10.165  1.00 0.00 ? 10 G A "H2'"  1 
ATOM 320 H "HO2'" . G A 1 10 ? 0.266   5.912   12.597  1.00 0.00 ? 10 G A "HO2'" 1 
ATOM 321 H "H1'"  . G A 1 10 ? -0.657  3.754   10.099  1.00 0.00 ? 10 G A "H1'"  1 
ATOM 322 H H8     . G A 1 10 ? -3.709  5.365   8.704   1.00 0.00 ? 10 G A H8     1 
ATOM 323 H H1     . G A 1 10 ? 1.236   5.613   4.623   1.00 0.00 ? 10 G A H1     1 
ATOM 324 H H21    . G A 1 10 ? 3.131   5.170   5.697   1.00 0.00 ? 10 G A H21    1 
ATOM 325 H H22    . G A 1 10 ? 3.139   4.607   7.354   1.00 0.00 ? 10 G A H22    1 
ATOM 326 P P      . U A 1 11 ? -1.502  8.775   12.776  1.00 0.00 ? 11 U A P      1 
ATOM 327 O OP1    . U A 1 11 ? -1.261  9.135   14.191  1.00 0.00 ? 11 U A OP1    1 
ATOM 328 O OP2    . U A 1 11 ? -2.771  9.163   12.121  1.00 0.00 ? 11 U A OP2    1 
ATOM 329 O "O5'"  . U A 1 11 ? -0.283  9.349   11.894  1.00 0.00 ? 11 U A "O5'"  1 
ATOM 330 C "C5'"  . U A 1 11 ? 0.928   9.759   12.528  1.00 0.00 ? 11 U A "C5'"  1 
ATOM 331 C "C4'"  . U A 1 11 ? 2.122   9.687   11.578  1.00 0.00 ? 11 U A "C4'"  1 
ATOM 332 O "O4'"  . U A 1 11 ? 1.960   8.598   10.664  1.00 0.00 ? 11 U A "O4'"  1 
ATOM 333 C "C3'"  . U A 1 11 ? 2.291   10.877  10.666  1.00 0.00 ? 11 U A "C3'"  1 
ATOM 334 O "O3'"  . U A 1 11 ? 3.028   11.861  11.396  1.00 0.00 ? 11 U A "O3'"  1 
ATOM 335 C "C2'"  . U A 1 11 ? 3.206   10.301  9.597   1.00 0.00 ? 11 U A "C2'"  1 
ATOM 336 O "O2'"  . U A 1 11 ? 4.550   10.214  10.078  1.00 0.00 ? 11 U A "O2'"  1 
ATOM 337 C "C1'"  . U A 1 11 ? 2.607   8.907   9.414   1.00 0.00 ? 11 U A "C1'"  1 
ATOM 338 N N1     . U A 1 11 ? 1.609   8.877   8.325   1.00 0.00 ? 11 U A N1     1 
ATOM 339 C C2     . U A 1 11 ? 2.083   8.983   7.032   1.00 0.00 ? 11 U A C2     1 
ATOM 340 O O2     . U A 1 11 ? 3.280   9.084   6.775   1.00 0.00 ? 11 U A O2     1 
ATOM 341 N N3     . U A 1 11 ? 1.130   8.971   6.033   1.00 0.00 ? 11 U A N3     1 
ATOM 342 C C4     . U A 1 11 ? -0.237  8.859   6.213   1.00 0.00 ? 11 U A C4     1 
ATOM 343 O O4     . U A 1 11 ? -0.988  8.857   5.241   1.00 0.00 ? 11 U A O4     1 
ATOM 344 C C5     . U A 1 11 ? -0.656  8.751   7.593   1.00 0.00 ? 11 U A C5     1 
ATOM 345 C C6     . U A 1 11 ? 0.266   8.765   8.588   1.00 0.00 ? 11 U A C6     1 
ATOM 346 H "H5'"  . U A 1 11 ? 1.114   9.109   13.385  1.00 0.00 ? 11 U A "H5'"  1 
ATOM 347 H "H5''" . U A 1 11 ? 0.816   10.784  12.879  1.00 0.00 ? 11 U A "H5''" 1 
ATOM 348 H "H4'"  . U A 1 11 ? 3.030   9.532   12.155  1.00 0.00 ? 11 U A "H4'"  1 
ATOM 349 H "H3'"  . U A 1 11 ? 1.351   11.267  10.275  1.00 0.00 ? 11 U A "H3'"  1 
ATOM 350 H "H2'"  . U A 1 11 ? 3.154   10.872  8.674   1.00 0.00 ? 11 U A "H2'"  1 
ATOM 351 H "HO2'" . U A 1 11 ? 5.109   10.676  9.450   1.00 0.00 ? 11 U A "HO2'" 1 
ATOM 352 H "H1'"  . U A 1 11 ? 3.384   8.170   9.215   1.00 0.00 ? 11 U A "H1'"  1 
ATOM 353 H H3     . U A 1 11 ? 1.459   9.076   5.084   1.00 0.00 ? 11 U A H3     1 
ATOM 354 H H5     . U A 1 11 ? -1.714  8.662   7.834   1.00 0.00 ? 11 U A H5     1 
ATOM 355 H H6     . U A 1 11 ? -0.068  8.693   9.622   1.00 0.00 ? 11 U A H6     1 
ATOM 356 P P      . C A 1 12 ? 2.406   13.327  11.645  1.00 0.00 ? 12 C A P      1 
ATOM 357 O OP1    . C A 1 12 ? 2.907   13.827  12.944  1.00 0.00 ? 12 C A OP1    1 
ATOM 358 O OP2    . C A 1 12 ? 0.950   13.260  11.391  1.00 0.00 ? 12 C A OP2    1 
ATOM 359 O "O5'"  . C A 1 12 ? 3.081   14.200  10.476  1.00 0.00 ? 12 C A "O5'"  1 
ATOM 360 C "C5'"  . C A 1 12 ? 4.501   14.326  10.398  1.00 0.00 ? 12 C A "C5'"  1 
ATOM 361 C "C4'"  . C A 1 12 ? 4.953   14.641  8.978   1.00 0.00 ? 12 C A "C4'"  1 
ATOM 362 O "O4'"  . C A 1 12 ? 4.717   13.504  8.144   1.00 0.00 ? 12 C A "O4'"  1 
ATOM 363 C "C3'"  . C A 1 12 ? 4.182   15.750  8.294   1.00 0.00 ? 12 C A "C3'"  1 
ATOM 364 O "O3'"  . C A 1 12 ? 4.856   16.977  8.583   1.00 0.00 ? 12 C A "O3'"  1 
ATOM 365 C "C2'"  . C A 1 12 ? 4.398   15.449  6.821   1.00 0.00 ? 12 C A "C2'"  1 
ATOM 366 O "O2'"  . C A 1 12 ? 5.664   15.951  6.385   1.00 0.00 ? 12 C A "O2'"  1 
ATOM 367 C "C1'"  . C A 1 12 ? 4.393   13.918  6.806   1.00 0.00 ? 12 C A "C1'"  1 
ATOM 368 N N1     . C A 1 12 ? 3.066   13.372  6.444   1.00 0.00 ? 12 C A N1     1 
ATOM 369 C C2     . C A 1 12 ? 2.754   13.296  5.094   1.00 0.00 ? 12 C A C2     1 
ATOM 370 O O2     . C A 1 12 ? 3.568   13.665  4.250   1.00 0.00 ? 12 C A O2     1 
ATOM 371 N N3     . C A 1 12 ? 1.538   12.807  4.728   1.00 0.00 ? 12 C A N3     1 
ATOM 372 C C4     . C A 1 12 ? 0.658   12.405  5.656   1.00 0.00 ? 12 C A C4     1 
ATOM 373 N N4     . C A 1 12 ? -0.516  11.932  5.237   1.00 0.00 ? 12 C A N4     1 
ATOM 374 C C5     . C A 1 12 ? 0.971   12.481  7.051   1.00 0.00 ? 12 C A C5     1 
ATOM 375 C C6     . C A 1 12 ? 2.177   12.967  7.401   1.00 0.00 ? 12 C A C6     1 
ATOM 376 H "H5'"  . C A 1 12 ? 4.960   13.393  10.720  1.00 0.00 ? 12 C A "H5'"  1 
ATOM 377 H "H5''" . C A 1 12 ? 4.822   15.130  11.060  1.00 0.00 ? 12 C A "H5''" 1 
ATOM 378 H "H4'"  . C A 1 12 ? 6.021   14.862  8.986   1.00 0.00 ? 12 C A "H4'"  1 
ATOM 379 H "H3'"  . C A 1 12 ? 3.131   15.786  8.579   1.00 0.00 ? 12 C A "H3'"  1 
ATOM 380 H "H2'"  . C A 1 12 ? 3.585   15.849  6.214   1.00 0.00 ? 12 C A "H2'"  1 
ATOM 381 H "HO2'" . C A 1 12 ? 5.501   16.524  5.632   1.00 0.00 ? 12 C A "HO2'" 1 
ATOM 382 H "H1'"  . C A 1 12 ? 5.148   13.530  6.119   1.00 0.00 ? 12 C A "H1'"  1 
ATOM 383 H H41    . C A 1 12 ? -0.717  11.884  4.249   1.00 0.00 ? 12 C A H41    1 
ATOM 384 H H42    . C A 1 12 ? -1.204  11.622  5.908   1.00 0.00 ? 12 C A H42    1 
ATOM 385 H H5     . C A 1 12 ? 0.262   12.154  7.813   1.00 0.00 ? 12 C A H5     1 
ATOM 386 H H6     . C A 1 12 ? 2.445   13.039  8.459   1.00 0.00 ? 12 C A H6     1 
ATOM 387 P P      . U A 1 13 ? 4.021   18.286  9.009   1.00 0.00 ? 13 U A P      1 
ATOM 388 O OP1    . U A 1 13 ? 4.968   19.414  9.152   1.00 0.00 ? 13 U A OP1    1 
ATOM 389 O OP2    . U A 1 13 ? 3.131   17.922  10.133  1.00 0.00 ? 13 U A OP2    1 
ATOM 390 O "O5'"  . U A 1 13 ? 3.109   18.555  7.710   1.00 0.00 ? 13 U A "O5'"  1 
ATOM 391 C "C5'"  . U A 1 13 ? 3.591   19.386  6.652   1.00 0.00 ? 13 U A "C5'"  1 
ATOM 392 C "C4'"  . U A 1 13 ? 2.877   19.100  5.334   1.00 0.00 ? 13 U A "C4'"  1 
ATOM 393 O "O4'"  . U A 1 13 ? 2.719   17.685  5.169   1.00 0.00 ? 13 U A "O4'"  1 
ATOM 394 C "C3'"  . U A 1 13 ? 1.460   19.630  5.244   1.00 0.00 ? 13 U A "C3'"  1 
ATOM 395 O "O3'"  . U A 1 13 ? 1.534   20.976  4.747   1.00 0.00 ? 13 U A "O3'"  1 
ATOM 396 C "C2'"  . U A 1 13 ? 0.855   18.748  4.170   1.00 0.00 ? 13 U A "C2'"  1 
ATOM 397 O "O2'"  . U A 1 13 ? 1.271   19.171  2.882   1.00 0.00 ? 13 U A "O2'"  1 
ATOM 398 C "C1'"  . U A 1 13 ? 1.471   17.390  4.510   1.00 0.00 ? 13 U A "C1'"  1 
ATOM 399 N N1     . U A 1 13 ? 0.617   16.602  5.426   1.00 0.00 ? 13 U A N1     1 
ATOM 400 C C2     . U A 1 13 ? -0.478  15.952  4.880   1.00 0.00 ? 13 U A C2     1 
ATOM 401 O O2     . U A 1 13 ? -0.747  16.005  3.683   1.00 0.00 ? 13 U A O2     1 
ATOM 402 N N3     . U A 1 13 ? -1.257  15.232  5.766   1.00 0.00 ? 13 U A N3     1 
ATOM 403 C C4     . U A 1 13 ? -1.040  15.107  7.126   1.00 0.00 ? 13 U A C4     1 
ATOM 404 O O4     . U A 1 13 ? -1.808  14.437  7.813   1.00 0.00 ? 13 U A O4     1 
ATOM 405 C C5     . U A 1 13 ? 0.121   15.813  7.618   1.00 0.00 ? 13 U A C5     1 
ATOM 406 C C6     . U A 1 13 ? 0.898   16.525  6.764   1.00 0.00 ? 13 U A C6     1 
ATOM 407 H "H5'"  . U A 1 13 ? 4.660   19.210  6.524   1.00 0.00 ? 13 U A "H5'"  1 
ATOM 408 H "H5''" . U A 1 13 ? 3.433   20.430  6.922   1.00 0.00 ? 13 U A "H5''" 1 
ATOM 409 H "H4'"  . U A 1 13 ? 3.483   19.486  4.514   1.00 0.00 ? 13 U A "H4'"  1 
ATOM 410 H "H3'"  . U A 1 13 ? 0.922   19.581  6.192   1.00 0.00 ? 13 U A "H3'"  1 
ATOM 411 H "H2'"  . U A 1 13 ? -0.225  18.719  4.241   1.00 0.00 ? 13 U A "H2'"  1 
ATOM 412 H "HO2'" . U A 1 13 ? 1.057   18.466  2.266   1.00 0.00 ? 13 U A "HO2'" 1 
ATOM 413 H "H1'"  . U A 1 13 ? 1.667   16.812  3.606   1.00 0.00 ? 13 U A "H1'"  1 
ATOM 414 H H3     . U A 1 13 ? -2.061  14.751  5.386   1.00 0.00 ? 13 U A H3     1 
ATOM 415 H H5     . U A 1 13 ? 0.373   15.771  8.677   1.00 0.00 ? 13 U A H5     1 
ATOM 416 H H6     . U A 1 13 ? 1.768   17.052  7.154   1.00 0.00 ? 13 U A H6     1 
ATOM 417 P P      . U A 1 14 ? 0.222   21.916  4.733   1.00 0.00 ? 14 U A P      1 
ATOM 418 O OP1    . U A 1 14 ? 0.612   23.250  5.241   1.00 0.00 ? 14 U A OP1    1 
ATOM 419 O OP2    . U A 1 14 ? -0.877  21.175  5.392   1.00 0.00 ? 14 U A OP2    1 
ATOM 420 O "O5'"  . U A 1 14 ? -0.150  22.068  3.164   1.00 0.00 ? 14 U A "O5'"  1 
ATOM 421 C "C5'"  . U A 1 14 ? 0.172   23.299  2.501   1.00 0.00 ? 14 U A "C5'"  1 
ATOM 422 C "C4'"  . U A 1 14 ? -0.258  23.347  1.025   1.00 0.00 ? 14 U A "C4'"  1 
ATOM 423 O "O4'"  . U A 1 14 ? 0.844   22.919  0.220   1.00 0.00 ? 14 U A "O4'"  1 
ATOM 424 C "C3'"  . U A 1 14 ? -1.432  22.447  0.635   1.00 0.00 ? 14 U A "C3'"  1 
ATOM 425 O "O3'"  . U A 1 14 ? -2.162  23.110  -0.401  1.00 0.00 ? 14 U A "O3'"  1 
ATOM 426 C "C2'"  . U A 1 14 ? -0.787  21.223  0.001   1.00 0.00 ? 14 U A "C2'"  1 
ATOM 427 O "O2'"  . U A 1 14 ? -1.606  20.721  -1.054  1.00 0.00 ? 14 U A "O2'"  1 
ATOM 428 C "C1'"  . U A 1 14 ? 0.512   21.780  -0.577  1.00 0.00 ? 14 U A "C1'"  1 
ATOM 429 N N1     . U A 1 14 ? 1.629   20.807  -0.461  1.00 0.00 ? 14 U A N1     1 
ATOM 430 C C2     . U A 1 14 ? 2.273   20.384  -1.616  1.00 0.00 ? 14 U A C2     1 
ATOM 431 O O2     . U A 1 14 ? 1.973   20.804  -2.731  1.00 0.00 ? 14 U A O2     1 
ATOM 432 N N3     . U A 1 14 ? 3.281   19.454  -1.439  1.00 0.00 ? 14 U A N3     1 
ATOM 433 C C4     . U A 1 14 ? 3.695   18.921  -0.231  1.00 0.00 ? 14 U A C4     1 
ATOM 434 O O4     . U A 1 14 ? 4.605   18.096  -0.201  1.00 0.00 ? 14 U A O4     1 
ATOM 435 C C5     . U A 1 14 ? 2.975   19.414  0.921   1.00 0.00 ? 14 U A C5     1 
ATOM 436 C C6     . U A 1 14 ? 1.988   20.325  0.765   1.00 0.00 ? 14 U A C6     1 
ATOM 437 H "H5'"  . U A 1 14 ? 1.248   23.442  2.551   1.00 0.00 ? 14 U A "H5'"  1 
ATOM 438 H "H5''" . U A 1 14 ? -0.311  24.117  3.039   1.00 0.00 ? 14 U A "H5''" 1 
ATOM 439 H "H4'"  . U A 1 14 ? -0.487  24.383  0.765   1.00 0.00 ? 14 U A "H4'"  1 
ATOM 440 H "H3'"  . U A 1 14 ? -2.075  22.208  1.477   1.00 0.00 ? 14 U A "H3'"  1 
ATOM 441 H "H2'"  . U A 1 14 ? -0.603  20.453  0.743   1.00 0.00 ? 14 U A "H2'"  1 
ATOM 442 H "HO2'" . U A 1 14 ? -1.031  20.555  -1.806  1.00 0.00 ? 14 U A "HO2'" 1 
ATOM 443 H "H1'"  . U A 1 14 ? 0.377   22.092  -1.616  1.00 0.00 ? 14 U A "H1'"  1 
ATOM 444 H H3     . U A 1 14 ? 3.760   19.134  -2.268  1.00 0.00 ? 14 U A H3     1 
ATOM 445 H H5     . U A 1 14 ? 3.206   19.034  1.920   1.00 0.00 ? 14 U A H5     1 
ATOM 446 H H6     . U A 1 14 ? 1.455   20.682  1.652   1.00 0.00 ? 14 U A H6     1 
ATOM 447 P P      . C A 1 15 ? -3.734  22.810  -0.613  1.00 0.00 ? 15 C A P      1 
ATOM 448 O OP1    . C A 1 15 ? -4.050  22.991  -2.048  1.00 0.00 ? 15 C A OP1    1 
ATOM 449 O OP2    . C A 1 15 ? -4.490  23.569  0.407   1.00 0.00 ? 15 C A OP2    1 
ATOM 450 O "O5'"  . C A 1 15 ? -3.859  21.238  -0.265  1.00 0.00 ? 15 C A "O5'"  1 
ATOM 451 C "C5'"  . C A 1 15 ? -4.132  20.286  -1.300  1.00 0.00 ? 15 C A "C5'"  1 
ATOM 452 C "C4'"  . C A 1 15 ? -4.519  18.912  -0.734  1.00 0.00 ? 15 C A "C4'"  1 
ATOM 453 O "O4'"  . C A 1 15 ? -3.929  18.746  0.565   1.00 0.00 ? 15 C A "O4'"  1 
ATOM 454 C "C3'"  . C A 1 15 ? -6.013  18.703  -0.510  1.00 0.00 ? 15 C A "C3'"  1 
ATOM 455 O "O3'"  . C A 1 15 ? -6.246  17.292  -0.594  1.00 0.00 ? 15 C A "O3'"  1 
ATOM 456 C "C2'"  . C A 1 15 ? -6.220  19.118  0.937   1.00 0.00 ? 15 C A "C2'"  1 
ATOM 457 O "O2'"  . C A 1 15 ? -7.355  18.453  1.498   1.00 0.00 ? 15 C A "O2'"  1 
ATOM 458 C "C1'"  . C A 1 15 ? -4.937  18.631  1.585   1.00 0.00 ? 15 C A "C1'"  1 
ATOM 459 N N1     . C A 1 15 ? -4.558  19.472  2.736   1.00 0.00 ? 15 C A N1     1 
ATOM 460 C C2     . C A 1 15 ? -5.463  19.569  3.782   1.00 0.00 ? 15 C A C2     1 
ATOM 461 O O2     . C A 1 15 ? -6.504  18.915  3.762   1.00 0.00 ? 15 C A O2     1 
ATOM 462 N N3     . C A 1 15 ? -5.170  20.396  4.823   1.00 0.00 ? 15 C A N3     1 
ATOM 463 C C4     . C A 1 15 ? -4.032  21.101  4.833   1.00 0.00 ? 15 C A C4     1 
ATOM 464 N N4     . C A 1 15 ? -3.798  21.894  5.877   1.00 0.00 ? 15 C A N4     1 
ATOM 465 C C5     . C A 1 15 ? -3.096  21.000  3.756   1.00 0.00 ? 15 C A C5     1 
ATOM 466 C C6     . C A 1 15 ? -3.391  20.177  2.741   1.00 0.00 ? 15 C A C6     1 
ATOM 467 H "H5'"  . C A 1 15 ? -3.239  20.180  -1.919  1.00 0.00 ? 15 C A "H5'"  1 
ATOM 468 H "H5''" . C A 1 15 ? -4.945  20.663  -1.922  1.00 0.00 ? 15 C A "H5''" 1 
ATOM 469 H "H4'"  . C A 1 15 ? -4.129  18.135  -1.393  1.00 0.00 ? 15 C A "H4'"  1 
ATOM 470 H "H3'"  . C A 1 15 ? -6.639  19.256  -1.209  1.00 0.00 ? 15 C A "H3'"  1 
ATOM 471 H "H2'"  . C A 1 15 ? -6.307  20.202  1.030   1.00 0.00 ? 15 C A "H2'"  1 
ATOM 472 H "HO2'" . C A 1 15 ? -7.673  18.994  2.223   1.00 0.00 ? 15 C A "HO2'" 1 
ATOM 473 H "H1'"  . C A 1 15 ? -5.027  17.593  1.905   1.00 0.00 ? 15 C A "H1'"  1 
ATOM 474 H H41    . C A 1 15 ? -4.446  21.915  6.650   1.00 0.00 ? 15 C A H41    1 
ATOM 475 H H42    . C A 1 15 ? -2.971  22.473  5.894   1.00 0.00 ? 15 C A H42    1 
ATOM 476 H H5     . C A 1 15 ? -2.192  21.596  3.732   1.00 0.00 ? 15 C A H5     1 
ATOM 477 H H6     . C A 1 15 ? -2.673  20.043  1.930   1.00 0.00 ? 15 C A H6     1 
ATOM 478 P P      . G A 1 16 ? -6.378  16.581  -2.035  1.00 0.00 ? 16 G A P      1 
ATOM 479 O OP1    . G A 1 16 ? -5.410  17.220  -2.955  1.00 0.00 ? 16 G A OP1    1 
ATOM 480 O OP2    . G A 1 16 ? -7.813  16.537  -2.395  1.00 0.00 ? 16 G A OP2    1 
ATOM 481 O "O5'"  . G A 1 16 ? -5.888  15.070  -1.744  1.00 0.00 ? 16 G A "O5'"  1 
ATOM 482 C "C5'"  . G A 1 16 ? -4.499  14.717  -1.772  1.00 0.00 ? 16 G A "C5'"  1 
ATOM 483 C "C4'"  . G A 1 16 ? -3.855  15.043  -3.122  1.00 0.00 ? 16 G A "C4'"  1 
ATOM 484 O "O4'"  . G A 1 16 ? -3.096  16.254  -2.988  1.00 0.00 ? 16 G A "O4'"  1 
ATOM 485 C "C3'"  . G A 1 16 ? -2.831  14.034  -3.627  1.00 0.00 ? 16 G A "C3'"  1 
ATOM 486 O "O3'"  . G A 1 16 ? -3.503  13.087  -4.462  1.00 0.00 ? 16 G A "O3'"  1 
ATOM 487 C "C2'"  . G A 1 16 ? -1.962  14.875  -4.535  1.00 0.00 ? 16 G A "C2'"  1 
ATOM 488 O "O2'"  . G A 1 16 ? -2.608  15.089  -5.793  1.00 0.00 ? 16 G A "O2'"  1 
ATOM 489 C "C1'"  . G A 1 16 ? -1.878  16.172  -3.749  1.00 0.00 ? 16 G A "C1'"  1 
ATOM 490 N N9     . G A 1 16 ? -0.734  16.168  -2.819  1.00 0.00 ? 16 G A N9     1 
ATOM 491 C C8     . G A 1 16 ? 0.592   15.988  -3.109  1.00 0.00 ? 16 G A C8     1 
ATOM 492 N N7     . G A 1 16 ? 1.368   16.018  -2.065  1.00 0.00 ? 16 G A N7     1 
ATOM 493 C C5     . G A 1 16 ? 0.497   16.223  -1.005  1.00 0.00 ? 16 G A C5     1 
ATOM 494 C C6     . G A 1 16 ? 0.768   16.339  0.384   1.00 0.00 ? 16 G A C6     1 
ATOM 495 O O6     . G A 1 16 ? 1.854   16.288  0.955   1.00 0.00 ? 16 G A O6     1 
ATOM 496 N N1     . G A 1 16 ? -0.390  16.540  1.114   1.00 0.00 ? 16 G A N1     1 
ATOM 497 C C2     . G A 1 16 ? -1.655  16.617  0.581   1.00 0.00 ? 16 G A C2     1 
ATOM 498 N N2     . G A 1 16 ? -2.660  16.785  1.435   1.00 0.00 ? 16 G A N2     1 
ATOM 499 N N3     . G A 1 16 ? -1.923  16.512  -0.725  1.00 0.00 ? 16 G A N3     1 
ATOM 500 C C4     . G A 1 16 ? -0.799  16.315  -1.454  1.00 0.00 ? 16 G A C4     1 
ATOM 501 H "H5'"  . G A 1 16 ? -4.402  13.648  -1.573  1.00 0.00 ? 16 G A "H5'"  1 
ATOM 502 H "H5''" . G A 1 16 ? -3.978  15.270  -0.990  1.00 0.00 ? 16 G A "H5''" 1 
ATOM 503 H "H4'"  . G A 1 16 ? -4.641  15.195  -3.862  1.00 0.00 ? 16 G A "H4'"  1 
ATOM 504 H "H3'"  . G A 1 16 ? -2.275  13.549  -2.827  1.00 0.00 ? 16 G A "H3'"  1 
ATOM 505 H "H2'"  . G A 1 16 ? -0.982  14.427  -4.665  1.00 0.00 ? 16 G A "H2'"  1 
ATOM 506 H "HO2'" . G A 1 16 ? -1.918  15.202  -6.452  1.00 0.00 ? 16 G A "HO2'" 1 
ATOM 507 H "H1'"  . G A 1 16 ? -1.805  17.031  -4.414  1.00 0.00 ? 16 G A "H1'"  1 
ATOM 508 H H8     . G A 1 16 ? 0.954   15.773  -4.111  1.00 0.00 ? 16 G A H8     1 
ATOM 509 H H1     . G A 1 16 ? -0.290  16.640  2.113   1.00 0.00 ? 16 G A H1     1 
ATOM 510 H H21    . G A 1 16 ? -2.472  16.945  2.415   1.00 0.00 ? 16 G A H21    1 
ATOM 511 H H22    . G A 1 16 ? -3.612  16.752  1.102   1.00 0.00 ? 16 G A H22    1 
ATOM 512 P P      . G A 1 17 ? -3.490  11.518  -4.096  1.00 0.00 ? 17 G A P      1 
ATOM 513 O OP1    . G A 1 17 ? -4.650  10.882  -4.759  1.00 0.00 ? 17 G A OP1    1 
ATOM 514 O OP2    . G A 1 17 ? -3.326  11.391  -2.631  1.00 0.00 ? 17 G A OP2    1 
ATOM 515 O "O5'"  . G A 1 17 ? -2.139  10.961  -4.802  1.00 0.00 ? 17 G A "O5'"  1 
ATOM 516 C "C5'"  . G A 1 17 ? -1.388  11.743  -5.746  1.00 0.00 ? 17 G A "C5'"  1 
ATOM 517 C "C4'"  . G A 1 17 ? 0.035   12.071  -5.257  1.00 0.00 ? 17 G A "C4'"  1 
ATOM 518 O "O4'"  . G A 1 17 ? 0.003   13.023  -4.183  1.00 0.00 ? 17 G A "O4'"  1 
ATOM 519 C "C3'"  . G A 1 17 ? 0.801   10.899  -4.674  1.00 0.00 ? 17 G A "C3'"  1 
ATOM 520 O "O3'"  . G A 1 17 ? 1.491   10.262  -5.752  1.00 0.00 ? 17 G A "O3'"  1 
ATOM 521 C "C2'"  . G A 1 17 ? 1.848   11.584  -3.813  1.00 0.00 ? 17 G A "C2'"  1 
ATOM 522 O "O2'"  . G A 1 17 ? 2.919   12.082  -4.619  1.00 0.00 ? 17 G A "O2'"  1 
ATOM 523 C "C1'"  . G A 1 17 ? 1.043   12.736  -3.219  1.00 0.00 ? 17 G A "C1'"  1 
ATOM 524 N N9     . G A 1 17 ? 0.395   12.364  -1.952  1.00 0.00 ? 17 G A N9     1 
ATOM 525 C C8     . G A 1 17 ? -0.750  11.651  -1.796  1.00 0.00 ? 17 G A C8     1 
ATOM 526 N N7     . G A 1 17 ? -1.108  11.479  -0.558  1.00 0.00 ? 17 G A N7     1 
ATOM 527 C C5     . G A 1 17 ? -0.118  12.129  0.167   1.00 0.00 ? 17 G A C5     1 
ATOM 528 C C6     . G A 1 17 ? 0.029   12.280  1.571   1.00 0.00 ? 17 G A C6     1 
ATOM 529 O O6     . G A 1 17 ? -0.704  11.860  2.463   1.00 0.00 ? 17 G A O6     1 
ATOM 530 N N1     . G A 1 17 ? 1.163   13.004  1.888   1.00 0.00 ? 17 G A N1     1 
ATOM 531 C C2     . G A 1 17 ? 2.054   13.522  0.975   1.00 0.00 ? 17 G A C2     1 
ATOM 532 N N2     . G A 1 17 ? 3.099   14.181  1.469   1.00 0.00 ? 17 G A N2     1 
ATOM 533 N N3     . G A 1 17 ? 1.927   13.387  -0.351  1.00 0.00 ? 17 G A N3     1 
ATOM 534 C C4     . G A 1 17 ? 0.818   12.680  -0.680  1.00 0.00 ? 17 G A C4     1 
ATOM 535 H "H5'"  . G A 1 17 ? -1.920  12.672  -5.939  1.00 0.00 ? 17 G A "H5'"  1 
ATOM 536 H "H5''" . G A 1 17 ? -1.315  11.186  -6.679  1.00 0.00 ? 17 G A "H5''" 1 
ATOM 537 H "H4'"  . G A 1 17 ? 0.590   12.507  -6.087  1.00 0.00 ? 17 G A "H4'"  1 
ATOM 538 H "H3'"  . G A 1 17 ? 0.173   10.200  -4.120  1.00 0.00 ? 17 G A "H3'"  1 
ATOM 539 H "H2'"  . G A 1 17 ? 2.217   10.919  -3.033  1.00 0.00 ? 17 G A "H2'"  1 
ATOM 540 H "HO2'" . G A 1 17 ? 2.540   12.355  -5.458  1.00 0.00 ? 17 G A "HO2'" 1 
ATOM 541 H "H1'"  . G A 1 17 ? 1.668   13.613  -3.070  1.00 0.00 ? 17 G A "H1'"  1 
ATOM 542 H H8     . G A 1 17 ? -1.309  11.270  -2.639  1.00 0.00 ? 17 G A H8     1 
ATOM 543 H H1     . G A 1 17 ? 1.342   13.169  2.867   1.00 0.00 ? 17 G A H1     1 
ATOM 544 H H21    . G A 1 17 ? 3.242   14.221  2.470   1.00 0.00 ? 17 G A H21    1 
ATOM 545 H H22    . G A 1 17 ? 3.748   14.641  0.846   1.00 0.00 ? 17 G A H22    1 
ATOM 546 P P      . A A 1 18 ? 1.831   8.690   -5.685  1.00 0.00 ? 18 A A P      1 
ATOM 547 O OP1    . A A 1 18 ? 2.534   8.316   -6.932  1.00 0.00 ? 18 A A OP1    1 
ATOM 548 O OP2    . A A 1 18 ? 0.603   7.967   -5.285  1.00 0.00 ? 18 A A OP2    1 
ATOM 549 O "O5'"  . A A 1 18 ? 2.883   8.610   -4.470  1.00 0.00 ? 18 A A "O5'"  1 
ATOM 550 C "C5'"  . A A 1 18 ? 4.185   9.185   -4.600  1.00 0.00 ? 18 A A "C5'"  1 
ATOM 551 C "C4'"  . A A 1 18 ? 4.953   9.145   -3.283  1.00 0.00 ? 18 A A "C4'"  1 
ATOM 552 O "O4'"  . A A 1 18 ? 4.354   10.050  -2.351  1.00 0.00 ? 18 A A "O4'"  1 
ATOM 553 C "C3'"  . A A 1 18 ? 4.908   7.819   -2.555  1.00 0.00 ? 18 A A "C3'"  1 
ATOM 554 O "O3'"  . A A 1 18 ? 5.996   7.026   -3.034  1.00 0.00 ? 18 A A "O3'"  1 
ATOM 555 C "C2'"  . A A 1 18 ? 5.234   8.217   -1.127  1.00 0.00 ? 18 A A "C2'"  1 
ATOM 556 O "O2'"  . A A 1 18 ? 6.646   8.366   -0.956  1.00 0.00 ? 18 A A "O2'"  1 
ATOM 557 C "C1'"  . A A 1 18 ? 4.532   9.570   -1.006  1.00 0.00 ? 18 A A "C1'"  1 
ATOM 558 N N9     . A A 1 18 ? 3.212   9.453   -0.356  1.00 0.00 ? 18 A A N9     1 
ATOM 559 C C8     . A A 1 18 ? 2.002   9.116   -0.912  1.00 0.00 ? 18 A A C8     1 
ATOM 560 N N7     . A A 1 18 ? 1.021   9.087   -0.052  1.00 0.00 ? 18 A A N7     1 
ATOM 561 C C5     . A A 1 18 ? 1.625   9.425   1.154   1.00 0.00 ? 18 A A C5     1 
ATOM 562 C C6     . A A 1 18 ? 1.128   9.570   2.458   1.00 0.00 ? 18 A A C6     1 
ATOM 563 N N6     . A A 1 18 ? -0.151  9.380   2.786   1.00 0.00 ? 18 A A N6     1 
ATOM 564 N N1     . A A 1 18 ? 1.995   9.915   3.423   1.00 0.00 ? 18 A A N1     1 
ATOM 565 C C2     . A A 1 18 ? 3.271   10.102  3.107   1.00 0.00 ? 18 A A C2     1 
ATOM 566 N N3     . A A 1 18 ? 3.860   9.999   1.926   1.00 0.00 ? 18 A A N3     1 
ATOM 567 C C4     . A A 1 18 ? 2.960   9.651   0.981   1.00 0.00 ? 18 A A C4     1 
ATOM 568 H "H5'"  . A A 1 18 ? 4.085   10.222  -4.922  1.00 0.00 ? 18 A A "H5'"  1 
ATOM 569 H "H5''" . A A 1 18 ? 4.744   8.631   -5.354  1.00 0.00 ? 18 A A "H5''" 1 
ATOM 570 H "H4'"  . A A 1 18 ? 5.983   9.451   -3.464  1.00 0.00 ? 18 A A "H4'"  1 
ATOM 571 H "H3'"  . A A 1 18 ? 3.952   7.302   -2.655  1.00 0.00 ? 18 A A "H3'"  1 
ATOM 572 H "H2'"  . A A 1 18 ? 4.824   7.504   -0.417  1.00 0.00 ? 18 A A "H2'"  1 
ATOM 573 H "HO2'" . A A 1 18 ? 7.024   8.518   -1.824  1.00 0.00 ? 18 A A "HO2'" 1 
ATOM 574 H "H1'"  . A A 1 18 ? 5.145   10.276  -0.448  1.00 0.00 ? 18 A A "H1'"  1 
ATOM 575 H H8     . A A 1 18 ? 1.873   8.887   -1.969  1.00 0.00 ? 18 A A H8     1 
ATOM 576 H H61    . A A 1 18 ? -0.811  9.075   2.085   1.00 0.00 ? 18 A A H61    1 
ATOM 577 H H62    . A A 1 18 ? -0.459  9.542   3.734   1.00 0.00 ? 18 A A H62    1 
ATOM 578 H H2     . A A 1 18 ? 3.925   10.378  3.936   1.00 0.00 ? 18 A A H2     1 
ATOM 579 P P      . C A 1 19 ? 6.007   5.435   -2.787  1.00 0.00 ? 19 C A P      1 
ATOM 580 O OP1    . C A 1 19 ? 7.243   4.881   -3.386  1.00 0.00 ? 19 C A OP1    1 
ATOM 581 O OP2    . C A 1 19 ? 4.688   4.894   -3.184  1.00 0.00 ? 19 C A OP2    1 
ATOM 582 O "O5'"  . C A 1 19 ? 6.134   5.328   -1.184  1.00 0.00 ? 19 C A "O5'"  1 
ATOM 583 C "C5'"  . C A 1 19 ? 7.418   5.197   -0.571  1.00 0.00 ? 19 C A "C5'"  1 
ATOM 584 C "C4'"  . C A 1 19 ? 7.351   5.404   0.941   1.00 0.00 ? 19 C A "C4'"  1 
ATOM 585 O "O4'"  . C A 1 19 ? 6.400   6.428   1.251   1.00 0.00 ? 19 C A "O4'"  1 
ATOM 586 C "C3'"  . C A 1 19 ? 6.854   4.215   1.732   1.00 0.00 ? 19 C A "C3'"  1 
ATOM 587 O "O3'"  . C A 1 19 ? 7.991   3.397   2.021   1.00 0.00 ? 19 C A "O3'"  1 
ATOM 588 C "C2'"  . C A 1 19 ? 6.415   4.869   3.032   1.00 0.00 ? 19 C A "C2'"  1 
ATOM 589 O "O2'"  . C A 1 19 ? 7.546   5.164   3.856   1.00 0.00 ? 19 C A "O2'"  1 
ATOM 590 C "C1'"  . C A 1 19 ? 5.772   6.157   2.519   1.00 0.00 ? 19 C A "C1'"  1 
ATOM 591 N N1     . C A 1 19 ? 4.314   6.003   2.303   1.00 0.00 ? 19 C A N1     1 
ATOM 592 C C2     . C A 1 19 ? 3.462   6.306   3.358   1.00 0.00 ? 19 C A C2     1 
ATOM 593 O O2     . C A 1 19 ? 3.921   6.680   4.436   1.00 0.00 ? 19 C A O2     1 
ATOM 594 N N3     . C A 1 19 ? 2.120   6.173   3.175   1.00 0.00 ? 19 C A N3     1 
ATOM 595 C C4     . C A 1 19 ? 1.629   5.756   2.001   1.00 0.00 ? 19 C A C4     1 
ATOM 596 N N4     . C A 1 19 ? 0.306   5.647   1.881   1.00 0.00 ? 19 C A N4     1 
ATOM 597 C C5     . C A 1 19 ? 2.499   5.440   0.910   1.00 0.00 ? 19 C A C5     1 
ATOM 598 C C6     . C A 1 19 ? 3.825   5.574   1.104   1.00 0.00 ? 19 C A C6     1 
ATOM 599 H "H5'"  . C A 1 19 ? 8.093   5.936   -1.004  1.00 0.00 ? 19 C A "H5'"  1 
ATOM 600 H "H5''" . C A 1 19 ? 7.807   4.199   -0.774  1.00 0.00 ? 19 C A "H5''" 1 
ATOM 601 H "H4'"  . C A 1 19 ? 8.332   5.711   1.302   1.00 0.00 ? 19 C A "H4'"  1 
ATOM 602 H "H3'"  . C A 1 19 ? 6.061   3.658   1.234   1.00 0.00 ? 19 C A "H3'"  1 
ATOM 603 H "H2'"  . C A 1 19 ? 5.689   4.259   3.561   1.00 0.00 ? 19 C A "H2'"  1 
ATOM 604 H "HO2'" . C A 1 19 ? 7.653   6.118   3.863   1.00 0.00 ? 19 C A "HO2'" 1 
ATOM 605 H "H1'"  . C A 1 19 ? 5.962   6.986   3.200   1.00 0.00 ? 19 C A "H1'"  1 
ATOM 606 H H41    . C A 1 19 ? -0.291  5.836   2.675   1.00 0.00 ? 19 C A H41    1 
ATOM 607 H H42    . C A 1 19 ? -0.102  5.375   0.997   1.00 0.00 ? 19 C A H42    1 
ATOM 608 H H5     . C A 1 19 ? 2.111   5.099   -0.050  1.00 0.00 ? 19 C A H5     1 
ATOM 609 H H6     . C A 1 19 ? 4.515   5.331   0.297   1.00 0.00 ? 19 C A H6     1 
ATOM 610 P P      . C A 1 20 ? 8.022   1.851   1.569   1.00 0.00 ? 20 C A P      1 
ATOM 611 O OP1    . C A 1 20 ? 9.428   1.475   1.302   1.00 0.00 ? 20 C A OP1    1 
ATOM 612 O OP2    . C A 1 20 ? 6.993   1.653   0.524   1.00 0.00 ? 20 C A OP2    1 
ATOM 613 O "O5'"  . C A 1 20 ? 7.540   1.086   2.900   1.00 0.00 ? 20 C A "O5'"  1 
ATOM 614 C "C5'"  . C A 1 20 ? 8.463   0.836   3.962   1.00 0.00 ? 20 C A "C5'"  1 
ATOM 615 C "C4'"  . C A 1 20 ? 7.753   0.746   5.307   1.00 0.00 ? 20 C A "C4'"  1 
ATOM 616 O "O4'"  . C A 1 20 ? 6.876   1.870   5.457   1.00 0.00 ? 20 C A "O4'"  1 
ATOM 617 C "C3'"  . C A 1 20 ? 6.834   -0.449  5.464   1.00 0.00 ? 20 C A "C3'"  1 
ATOM 618 O "O3'"  . C A 1 20 ? 7.604   -1.516  6.022   1.00 0.00 ? 20 C A "O3'"  1 
ATOM 619 C "C2'"  . C A 1 20 ? 5.865   0.022   6.532   1.00 0.00 ? 20 C A "C2'"  1 
ATOM 620 O "O2'"  . C A 1 20 ? 6.464   -0.060  7.829   1.00 0.00 ? 20 C A "O2'"  1 
ATOM 621 C "C1'"  . C A 1 20 ? 5.661   1.479   6.124   1.00 0.00 ? 20 C A "C1'"  1 
ATOM 622 N N1     . C A 1 20 ? 4.526   1.635   5.189   1.00 0.00 ? 20 C A N1     1 
ATOM 623 C C2     . C A 1 20 ? 3.246   1.540   5.717   1.00 0.00 ? 20 C A C2     1 
ATOM 624 O O2     . C A 1 20 ? 3.087   1.348   6.920   1.00 0.00 ? 20 C A O2     1 
ATOM 625 N N3     . C A 1 20 ? 2.183   1.663   4.876   1.00 0.00 ? 20 C A N3     1 
ATOM 626 C C4     . C A 1 20 ? 2.367   1.872   3.566   1.00 0.00 ? 20 C A C4     1 
ATOM 627 N N4     . C A 1 20 ? 1.286   1.984   2.794   1.00 0.00 ? 20 C A N4     1 
ATOM 628 C C5     . C A 1 20 ? 3.682   1.972   3.014   1.00 0.00 ? 20 C A C5     1 
ATOM 629 C C6     . C A 1 20 ? 4.727   1.850   3.855   1.00 0.00 ? 20 C A C6     1 
ATOM 630 H "H5'"  . C A 1 20 ? 9.193   1.644   3.997   1.00 0.00 ? 20 C A "H5'"  1 
ATOM 631 H "H5''" . C A 1 20 ? 8.981   -0.103  3.769   1.00 0.00 ? 20 C A "H5''" 1 
ATOM 632 H "H4'"  . C A 1 20 ? 8.498   0.766   6.102   1.00 0.00 ? 20 C A "H4'"  1 
ATOM 633 H "H3'"  . C A 1 20 ? 6.345   -0.744  4.535   1.00 0.00 ? 20 C A "H3'"  1 
ATOM 634 H "H2'"  . C A 1 20 ? 4.930   -0.534  6.491   1.00 0.00 ? 20 C A "H2'"  1 
ATOM 635 H "HO2'" . C A 1 20 ? 7.352   0.297   7.755   1.00 0.00 ? 20 C A "HO2'" 1 
ATOM 636 H "H1'"  . C A 1 20 ? 5.504   2.113   6.996   1.00 0.00 ? 20 C A "H1'"  1 
ATOM 637 H H41    . C A 1 20 ? 0.364   1.953   3.207   1.00 0.00 ? 20 C A H41    1 
ATOM 638 H H42    . C A 1 20 ? 1.388   2.099   1.796   1.00 0.00 ? 20 C A H42    1 
ATOM 639 H H5     . C A 1 20 ? 3.844   2.142   1.950   1.00 0.00 ? 20 C A H5     1 
ATOM 640 H H6     . C A 1 20 ? 5.744   1.938   3.468   1.00 0.00 ? 20 C A H6     1 
ATOM 641 P P      . G A 1 21 ? 7.281   -3.041  5.620   1.00 0.00 ? 21 G A P      1 
ATOM 642 O OP1    . G A 1 21 ? 8.347   -3.902  6.179   1.00 0.00 ? 21 G A OP1    1 
ATOM 643 O OP2    . G A 1 21 ? 6.978   -3.085  4.172   1.00 0.00 ? 21 G A OP2    1 
ATOM 644 O "O5'"  . G A 1 21 ? 5.920   -3.333  6.430   1.00 0.00 ? 21 G A "O5'"  1 
ATOM 645 C "C5'"  . G A 1 21 ? 5.929   -3.368  7.858   1.00 0.00 ? 21 G A "C5'"  1 
ATOM 646 C "C4'"  . G A 1 21 ? 4.520   -3.319  8.440   1.00 0.00 ? 21 G A "C4'"  1 
ATOM 647 O "O4'"  . G A 1 21 ? 3.853   -2.127  8.011   1.00 0.00 ? 21 G A "O4'"  1 
ATOM 648 C "C3'"  . G A 1 21 ? 3.590   -4.418  7.983   1.00 0.00 ? 21 G A "C3'"  1 
ATOM 649 O "O3'"  . G A 1 21 ? 3.810   -5.541  8.842   1.00 0.00 ? 21 G A "O3'"  1 
ATOM 650 C "C2'"  . G A 1 21 ? 2.237   -3.821  8.331   1.00 0.00 ? 21 G A "C2'"  1 
ATOM 651 O "O2'"  . G A 1 21 ? 1.999   -3.895  9.739   1.00 0.00 ? 21 G A "O2'"  1 
ATOM 652 C "C1'"  . G A 1 21 ? 2.438   -2.371  7.894   1.00 0.00 ? 21 G A "C1'"  1 
ATOM 653 N N9     . G A 1 21 ? 2.027   -2.158  6.493   1.00 0.00 ? 21 G A N9     1 
ATOM 654 C C8     . G A 1 21 ? 2.804   -2.147  5.364   1.00 0.00 ? 21 G A C8     1 
ATOM 655 N N7     . G A 1 21 ? 2.131   -1.955  4.264   1.00 0.00 ? 21 G A N7     1 
ATOM 656 C C5     . G A 1 21 ? 0.814   -1.831  4.694   1.00 0.00 ? 21 G A C5     1 
ATOM 657 C C6     . G A 1 21 ? -0.373  -1.611  3.942   1.00 0.00 ? 21 G A C6     1 
ATOM 658 O O6     . G A 1 21 ? -0.490  -1.476  2.726   1.00 0.00 ? 21 G A O6     1 
ATOM 659 N N1     . G A 1 21 ? -1.491  -1.552  4.757   1.00 0.00 ? 21 G A N1     1 
ATOM 660 C C2     . G A 1 21 ? -1.478  -1.684  6.128   1.00 0.00 ? 21 G A C2     1 
ATOM 661 N N2     . G A 1 21 ? -2.652  -1.598  6.756   1.00 0.00 ? 21 G A N2     1 
ATOM 662 N N3     . G A 1 21 ? -0.369  -1.891  6.845   1.00 0.00 ? 21 G A N3     1 
ATOM 663 C C4     . G A 1 21 ? 0.737   -1.953  6.061   1.00 0.00 ? 21 G A C4     1 
ATOM 664 H "H5'"  . G A 1 21 ? 6.495   -2.514  8.230   1.00 0.00 ? 21 G A "H5'"  1 
ATOM 665 H "H5''" . G A 1 21 ? 6.415   -4.286  8.187   1.00 0.00 ? 21 G A "H5''" 1 
ATOM 666 H "H4'"  . G A 1 21 ? 4.585   -3.315  9.524   1.00 0.00 ? 21 G A "H4'"  1 
ATOM 667 H "H3'"  . G A 1 21 ? 3.699   -4.674  6.929   1.00 0.00 ? 21 G A "H3'"  1 
ATOM 668 H "H2'"  . G A 1 21 ? 1.437   -4.286  7.768   1.00 0.00 ? 21 G A "H2'"  1 
ATOM 669 H "HO2'" . G A 1 21 ? 1.085   -4.163  9.859   1.00 0.00 ? 21 G A "HO2'" 1 
ATOM 670 H "H1'"  . G A 1 21 ? 1.894   -1.687  8.544   1.00 0.00 ? 21 G A "H1'"  1 
ATOM 671 H H8     . G A 1 21 ? 3.883   -2.297  5.382   1.00 0.00 ? 21 G A H8     1 
ATOM 672 H H1     . G A 1 21 ? -2.384  -1.423  4.303   1.00 0.00 ? 21 G A H1     1 
ATOM 673 H H21    . G A 1 21 ? -3.505  -1.514  6.222   1.00 0.00 ? 21 G A H21    1 
ATOM 674 H H22    . G A 1 21 ? -2.687  -1.618  7.764   1.00 0.00 ? 21 G A H22    1 
ATOM 675 P P      . G A 1 22 ? 4.238   -6.966  8.225   1.00 0.00 ? 22 G A P      1 
ATOM 676 O OP1    . G A 1 22 ? 5.090   -7.662  9.214   1.00 0.00 ? 22 G A OP1    1 
ATOM 677 O OP2    . G A 1 22 ? 4.736   -6.745  6.848   1.00 0.00 ? 22 G A OP2    1 
ATOM 678 O "O5'"  . G A 1 22 ? 2.835   -7.746  8.132   1.00 0.00 ? 22 G A "O5'"  1 
ATOM 679 C "C5'"  . G A 1 22 ? 2.396   -8.571  9.211   1.00 0.00 ? 22 G A "C5'"  1 
ATOM 680 C "C4'"  . G A 1 22 ? 0.877   -8.665  9.259   1.00 0.00 ? 22 G A "C4'"  1 
ATOM 681 O "O4'"  . G A 1 22 ? 0.314   -7.364  9.053   1.00 0.00 ? 22 G A "O4'"  1 
ATOM 682 C "C3'"  . G A 1 22 ? 0.256   -9.507  8.161   1.00 0.00 ? 22 G A "C3'"  1 
ATOM 683 O "O3'"  . G A 1 22 ? 0.147   -10.844 8.657   1.00 0.00 ? 22 G A "O3'"  1 
ATOM 684 C "C2'"  . G A 1 22 ? -1.150  -8.941  8.069   1.00 0.00 ? 22 G A "C2'"  1 
ATOM 685 O "O2'"  . G A 1 22 ? -1.971  -9.455  9.120   1.00 0.00 ? 22 G A "O2'"  1 
ATOM 686 C "C1'"  . G A 1 22 ? -0.889  -7.450  8.269   1.00 0.00 ? 22 G A "C1'"  1 
ATOM 687 N N9     . G A 1 22 ? -0.677  -6.746  6.988   1.00 0.00 ? 22 G A N9     1 
ATOM 688 C C8     . G A 1 22 ? 0.499   -6.314  6.425   1.00 0.00 ? 22 G A C8     1 
ATOM 689 N N7     . G A 1 22 ? 0.341   -5.724  5.273   1.00 0.00 ? 22 G A N7     1 
ATOM 690 C C5     . G A 1 22 ? -1.033  -5.766  5.057   1.00 0.00 ? 22 G A C5     1 
ATOM 691 C C6     . G A 1 22 ? -1.802  -5.276  3.965   1.00 0.00 ? 22 G A C6     1 
ATOM 692 O O6     . G A 1 22 ? -1.408  -4.696  2.953   1.00 0.00 ? 22 G A O6     1 
ATOM 693 N N1     . G A 1 22 ? -3.154  -5.521  4.141   1.00 0.00 ? 22 G A N1     1 
ATOM 694 C C2     . G A 1 22 ? -3.706  -6.159  5.228   1.00 0.00 ? 22 G A C2     1 
ATOM 695 N N2     . G A 1 22 ? -5.031  -6.313  5.232   1.00 0.00 ? 22 G A N2     1 
ATOM 696 N N3     . G A 1 22 ? -2.994  -6.624  6.258   1.00 0.00 ? 22 G A N3     1 
ATOM 697 C C4     . G A 1 22 ? -1.668  -6.391  6.104   1.00 0.00 ? 22 G A C4     1 
ATOM 698 H "H5'"  . G A 1 22 ? 2.756   -8.151  10.150  1.00 0.00 ? 22 G A "H5'"  1 
ATOM 699 H "H5''" . G A 1 22 ? 2.811   -9.572  9.087   1.00 0.00 ? 22 G A "H5''" 1 
ATOM 700 H "H4'"  . G A 1 22 ? 0.575   -9.031  10.240  1.00 0.00 ? 22 G A "H4'"  1 
ATOM 701 H "H3'"  . G A 1 22 ? 0.802   -9.462  7.219   1.00 0.00 ? 22 G A "H3'"  1 
ATOM 702 H "H2'"  . G A 1 22 ? -1.590  -9.134  7.091   1.00 0.00 ? 22 G A "H2'"  1 
ATOM 703 H "HO2'" . G A 1 22 ? -1.632  -9.102  9.947   1.00 0.00 ? 22 G A "HO2'" 1 
ATOM 704 H "H1'"  . G A 1 22 ? -1.709  -6.979  8.810   1.00 0.00 ? 22 G A "H1'"  1 
ATOM 705 H H8     . G A 1 22 ? 1.475   -6.430  6.908   1.00 0.00 ? 22 G A H8     1 
ATOM 706 H H1     . G A 1 22 ? -3.778  -5.193  3.418   1.00 0.00 ? 22 G A H1     1 
ATOM 707 H H21    . G A 1 22 ? -5.581  -5.965  4.460   1.00 0.00 ? 22 G A H21    1 
ATOM 708 H H22    . G A 1 22 ? -5.482  -6.780  6.005   1.00 0.00 ? 22 G A H22    1 
ATOM 709 P P      . C A 1 23 ? 0.707   -12.081 7.792   1.00 0.00 ? 23 C A P      1 
ATOM 710 O OP1    . C A 1 23 ? 0.781   -13.268 8.672   1.00 0.00 ? 23 C A OP1    1 
ATOM 711 O OP2    . C A 1 23 ? 1.912   -11.628 7.061   1.00 0.00 ? 23 C A OP2    1 
ATOM 712 O "O5'"  . C A 1 23 ? -0.471  -12.321 6.722   1.00 0.00 ? 23 C A "O5'"  1 
ATOM 713 C "C5'"  . C A 1 23 ? -1.668  -13.000 7.109   1.00 0.00 ? 23 C A "C5'"  1 
ATOM 714 C "C4'"  . C A 1 23 ? -2.825  -12.693 6.164   1.00 0.00 ? 23 C A "C4'"  1 
ATOM 715 O "O4'"  . C A 1 23 ? -2.994  -11.277 6.053   1.00 0.00 ? 23 C A "O4'"  1 
ATOM 716 C "C3'"  . C A 1 23 ? -2.619  -13.131 4.729   1.00 0.00 ? 23 C A "C3'"  1 
ATOM 717 O "O3'"  . C A 1 23 ? -3.079  -14.482 4.625   1.00 0.00 ? 23 C A "O3'"  1 
ATOM 718 C "C2'"  . C A 1 23 ? -3.609  -12.253 3.981   1.00 0.00 ? 23 C A "C2'"  1 
ATOM 719 O "O2'"  . C A 1 23 ? -4.933  -12.781 4.091   1.00 0.00 ? 23 C A "O2'"  1 
ATOM 720 C "C1'"  . C A 1 23 ? -3.489  -10.934 4.744   1.00 0.00 ? 23 C A "C1'"  1 
ATOM 721 N N1     . C A 1 23 ? -2.536  -10.002 4.100   1.00 0.00 ? 23 C A N1     1 
ATOM 722 C C2     . C A 1 23 ? -3.002  -9.231  3.043   1.00 0.00 ? 23 C A C2     1 
ATOM 723 O O2     . C A 1 23 ? -4.169  -9.333  2.671   1.00 0.00 ? 23 C A O2     1 
ATOM 724 N N3     . C A 1 23 ? -2.141  -8.369  2.433   1.00 0.00 ? 23 C A N3     1 
ATOM 725 C C4     . C A 1 23 ? -0.870  -8.267  2.843   1.00 0.00 ? 23 C A C4     1 
ATOM 726 N N4     . C A 1 23 ? -0.077  -7.407  2.206   1.00 0.00 ? 23 C A N4     1 
ATOM 727 C C5     . C A 1 23 ? -0.383  -9.058  3.931   1.00 0.00 ? 23 C A C5     1 
ATOM 728 C C6     . C A 1 23 ? -1.243  -9.907  4.527   1.00 0.00 ? 23 C A C6     1 
ATOM 729 H "H5'"  . C A 1 23 ? -1.941  -12.690 8.117   1.00 0.00 ? 23 C A "H5'"  1 
ATOM 730 H "H5''" . C A 1 23 ? -1.482  -14.075 7.105   1.00 0.00 ? 23 C A "H5''" 1 
ATOM 731 H "H4'"  . C A 1 23 ? -3.737  -13.129 6.570   1.00 0.00 ? 23 C A "H4'"  1 
ATOM 732 H "H3'"  . C A 1 23 ? -1.591  -13.019 4.384   1.00 0.00 ? 23 C A "H3'"  1 
ATOM 733 H "H2'"  . C A 1 23 ? -3.320  -12.129 2.940   1.00 0.00 ? 23 C A "H2'"  1 
ATOM 734 H "HO2'" . C A 1 23 ? -5.306  -12.804 3.207   1.00 0.00 ? 23 C A "HO2'" 1 
ATOM 735 H "H1'"  . C A 1 23 ? -4.462  -10.454 4.841   1.00 0.00 ? 23 C A "H1'"  1 
ATOM 736 H H41    . C A 1 23 ? -0.442  -6.852  1.444   1.00 0.00 ? 23 C A H41    1 
ATOM 737 H H42    . C A 1 23 ? 0.889   -7.309  2.483   1.00 0.00 ? 23 C A H42    1 
ATOM 738 H H5     . C A 1 23 ? 0.649   -8.982  4.275   1.00 0.00 ? 23 C A H5     1 
ATOM 739 H H6     . C A 1 23 ? -0.901  -10.527 5.356   1.00 0.00 ? 23 C A H6     1 
ATOM 740 P P      . U A 1 24 ? -2.157  -15.606 3.933   1.00 0.00 ? 24 U A P      1 
ATOM 741 O OP1    . U A 1 24 ? -2.587  -16.931 4.432   1.00 0.00 ? 24 U A OP1    1 
ATOM 742 O OP2    . U A 1 24 ? -0.743  -15.191 4.061   1.00 0.00 ? 24 U A OP2    1 
ATOM 743 O "O5'"  . U A 1 24 ? -2.576  -15.493 2.382   1.00 0.00 ? 24 U A "O5'"  1 
ATOM 744 C "C5'"  . U A 1 24 ? -3.848  -15.971 1.940   1.00 0.00 ? 24 U A "C5'"  1 
ATOM 745 C "C4'"  . U A 1 24 ? -4.362  -15.177 0.743   1.00 0.00 ? 24 U A "C4'"  1 
ATOM 746 O "O4'"  . U A 1 24 ? -4.023  -13.797 0.903   1.00 0.00 ? 24 U A "O4'"  1 
ATOM 747 C "C3'"  . U A 1 24 ? -3.730  -15.540 -0.585  1.00 0.00 ? 24 U A "C3'"  1 
ATOM 748 O "O3'"  . U A 1 24 ? -4.510  -16.591 -1.159  1.00 0.00 ? 24 U A "O3'"  1 
ATOM 749 C "C2'"  . U A 1 24 ? -3.970  -14.293 -1.420  1.00 0.00 ? 24 U A "C2'"  1 
ATOM 750 O "O2'"  . U A 1 24 ? -5.289  -14.304 -1.971  1.00 0.00 ? 24 U A "O2'"  1 
ATOM 751 C "C1'"  . U A 1 24 ? -3.829  -13.177 -0.383  1.00 0.00 ? 24 U A "C1'"  1 
ATOM 752 N N1     . U A 1 24 ? -2.490  -12.550 -0.426  1.00 0.00 ? 24 U A N1     1 
ATOM 753 C C2     . U A 1 24 ? -2.163  -11.844 -1.569  1.00 0.00 ? 24 U A C2     1 
ATOM 754 O O2     . U A 1 24 ? -2.940  -11.723 -2.515  1.00 0.00 ? 24 U A O2     1 
ATOM 755 N N3     . U A 1 24 ? -0.905  -11.276 -1.592  1.00 0.00 ? 24 U A N3     1 
ATOM 756 C C4     . U A 1 24 ? 0.040   -11.347 -0.585  1.00 0.00 ? 24 U A C4     1 
ATOM 757 O O4     . U A 1 24 ? 1.128   -10.795 -0.722  1.00 0.00 ? 24 U A O4     1 
ATOM 758 C C5     . U A 1 24 ? -0.376  -12.101 0.577   1.00 0.00 ? 24 U A C5     1 
ATOM 759 C C6     . U A 1 24 ? -1.607  -12.669 0.617   1.00 0.00 ? 24 U A C6     1 
ATOM 760 H "H5'"  . U A 1 24 ? -4.564  -15.886 2.759   1.00 0.00 ? 24 U A "H5'"  1 
ATOM 761 H "H5''" . U A 1 24 ? -3.755  -17.019 1.657   1.00 0.00 ? 24 U A "H5''" 1 
ATOM 762 H "H4'"  . U A 1 24 ? -5.447  -15.272 0.690   1.00 0.00 ? 24 U A "H4'"  1 
ATOM 763 H "H3'"  . U A 1 24 ? -2.677  -15.812 -0.504  1.00 0.00 ? 24 U A "H3'"  1 
ATOM 764 H "H2'"  . U A 1 24 ? -3.218  -14.195 -2.200  1.00 0.00 ? 24 U A "H2'"  1 
ATOM 765 H "HO2'" . U A 1 24 ? -5.648  -13.419 -1.873  1.00 0.00 ? 24 U A "HO2'" 1 
ATOM 766 H "H1'"  . U A 1 24 ? -4.589  -12.411 -0.533  1.00 0.00 ? 24 U A "H1'"  1 
ATOM 767 H H3     . U A 1 24 ? -0.646  -10.770 -2.427  1.00 0.00 ? 24 U A H3     1 
ATOM 768 H H5     . U A 1 24 ? 0.302   -12.213 1.423   1.00 0.00 ? 24 U A H5     1 
ATOM 769 H H6     . U A 1 24 ? -1.900  -13.238 1.499   1.00 0.00 ? 24 U A H6     1 
ATOM 770 P P      . U A 1 25 ? -3.896  -17.516 -2.325  1.00 0.00 ? 25 U A P      1 
ATOM 771 O OP1    . U A 1 25 ? -4.790  -18.680 -2.513  1.00 0.00 ? 25 U A OP1    1 
ATOM 772 O OP2    . U A 1 25 ? -2.459  -17.725 -2.041  1.00 0.00 ? 25 U A OP2    1 
ATOM 773 O "O5'"  . U A 1 25 ? -4.021  -16.571 -3.624  1.00 0.00 ? 25 U A "O5'"  1 
ATOM 774 C "C5'"  . U A 1 25 ? -5.230  -16.544 -4.386  1.00 0.00 ? 25 U A "C5'"  1 
ATOM 775 C "C4'"  . U A 1 25 ? -5.155  -15.535 -5.530  1.00 0.00 ? 25 U A "C4'"  1 
ATOM 776 O "O4'"  . U A 1 25 ? -4.473  -14.358 -5.085  1.00 0.00 ? 25 U A "O4'"  1 
ATOM 777 C "C3'"  . U A 1 25 ? -4.345  -15.985 -6.731  1.00 0.00 ? 25 U A "C3'"  1 
ATOM 778 O "O3'"  . U A 1 25 ? -5.238  -16.650 -7.628  1.00 0.00 ? 25 U A "O3'"  1 
ATOM 779 C "C2'"  . U A 1 25 ? -3.955  -14.667 -7.376  1.00 0.00 ? 25 U A "C2'"  1 
ATOM 780 O "O2'"  . U A 1 25 ? -5.044  -14.138 -8.138  1.00 0.00 ? 25 U A "O2'"  1 
ATOM 781 C "C1'"  . U A 1 25 ? -3.682  -13.796 -6.151  1.00 0.00 ? 25 U A "C1'"  1 
ATOM 782 N N1     . U A 1 25 ? -2.256  -13.820 -5.761  1.00 0.00 ? 25 U A N1     1 
ATOM 783 C C2     . U A 1 25 ? -1.380  -13.039 -6.492  1.00 0.00 ? 25 U A C2     1 
ATOM 784 O O2     . U A 1 25 ? -1.750  -12.334 -7.429  1.00 0.00 ? 25 U A O2     1 
ATOM 785 N N3     . U A 1 25 ? -0.054  -13.095 -6.109  1.00 0.00 ? 25 U A N3     1 
ATOM 786 C C4     . U A 1 25 ? 0.462   -13.849 -5.072  1.00 0.00 ? 25 U A C4     1 
ATOM 787 O O4     . U A 1 25 ? 1.666   -13.811 -4.825  1.00 0.00 ? 25 U A O4     1 
ATOM 788 C C5     . U A 1 25 ? -0.514  -14.637 -4.356  1.00 0.00 ? 25 U A C5     1 
ATOM 789 C C6     . U A 1 25 ? -1.821  -14.597 -4.718  1.00 0.00 ? 25 U A C6     1 
ATOM 790 H "H5'"  . U A 1 25 ? -6.057  -16.278 -3.728  1.00 0.00 ? 25 U A "H5'"  1 
ATOM 791 H "H5''" . U A 1 25 ? -5.409  -17.537 -4.800  1.00 0.00 ? 25 U A "H5''" 1 
ATOM 792 H "H4'"  . U A 1 25 ? -6.169  -15.266 -5.831  1.00 0.00 ? 25 U A "H4'"  1 
ATOM 793 H "H3'"  . U A 1 25 ? -3.490  -16.610 -6.469  1.00 0.00 ? 25 U A "H3'"  1 
ATOM 794 H "H2'"  . U A 1 25 ? -3.061  -14.777 -7.988  1.00 0.00 ? 25 U A "H2'"  1 
ATOM 795 H "HO2'" . U A 1 25 ? -5.752  -13.935 -7.521  1.00 0.00 ? 25 U A "HO2'" 1 
ATOM 796 H "H1'"  . U A 1 25 ? -3.996  -12.765 -6.327  1.00 0.00 ? 25 U A "H1'"  1 
ATOM 797 H H3     . U A 1 25 ? 0.600   -12.543 -6.643  1.00 0.00 ? 25 U A H3     1 
ATOM 798 H H5     . U A 1 25 ? -0.199  -15.263 -3.520  1.00 0.00 ? 25 U A H5     1 
ATOM 799 H H6     . U A 1 25 ? -2.541  -15.205 -4.172  1.00 0.00 ? 25 U A H6     1 
ATOM 800 P P      . C A 1 26 ? -4.678  -17.742 -8.671  1.00 0.00 ? 26 C A P      1 
ATOM 801 O OP1    . C A 1 26 ? -5.806  -18.194 -9.517  1.00 0.00 ? 26 C A OP1    1 
ATOM 802 O OP2    . C A 1 26 ? -3.877  -18.733 -7.919  1.00 0.00 ? 26 C A OP2    1 
ATOM 803 O "O5'"  . C A 1 26 ? -3.677  -16.875 -9.586  1.00 0.00 ? 26 C A "O5'"  1 
ATOM 804 C "C5'"  . C A 1 26 ? -4.191  -15.906 -10.503 1.00 0.00 ? 26 C A "C5'"  1 
ATOM 805 C "C4'"  . C A 1 26 ? -3.080  -15.249 -11.317 1.00 0.00 ? 26 C A "C4'"  1 
ATOM 806 O "O4'"  . C A 1 26 ? -2.315  -14.390 -10.471 1.00 0.00 ? 26 C A "O4'"  1 
ATOM 807 C "C3'"  . C A 1 26 ? -2.050  -16.203 -11.884 1.00 0.00 ? 26 C A "C3'"  1 
ATOM 808 O "O3'"  . C A 1 26 ? -2.501  -16.584 -13.186 1.00 0.00 ? 26 C A "O3'"  1 
ATOM 809 C "C2'"  . C A 1 26 ? -0.824  -15.320 -12.077 1.00 0.00 ? 26 C A "C2'"  1 
ATOM 810 O "O2'"  . C A 1 26 ? -0.884  -14.654 -13.340 1.00 0.00 ? 26 C A "O2'"  1 
ATOM 811 C "C1'"  . C A 1 26 ? -0.955  -14.308 -10.931 1.00 0.00 ? 26 C A "C1'"  1 
ATOM 812 N N1     . C A 1 26 ? -0.050  -14.625 -9.797  1.00 0.00 ? 26 C A N1     1 
ATOM 813 C C2     . C A 1 26 ? 1.165   -13.953 -9.721  1.00 0.00 ? 26 C A C2     1 
ATOM 814 O O2     . C A 1 26 ? 1.467   -13.127 -10.580 1.00 0.00 ? 26 C A O2     1 
ATOM 815 N N3     . C A 1 26 ? 2.003   -14.229 -8.685  1.00 0.00 ? 26 C A N3     1 
ATOM 816 C C4     . C A 1 26 ? 1.664   -15.131 -7.755  1.00 0.00 ? 26 C A C4     1 
ATOM 817 N N4     . C A 1 26 ? 2.526   -15.354 -6.763  1.00 0.00 ? 26 C A N4     1 
ATOM 818 C C5     . C A 1 26 ? 0.418   -15.827 -7.825  1.00 0.00 ? 26 C A C5     1 
ATOM 819 C C6     . C A 1 26 ? -0.404  -15.546 -8.855  1.00 0.00 ? 26 C A C6     1 
ATOM 820 H "H5'"  . C A 1 26 ? -4.724  -15.136 -9.945  1.00 0.00 ? 26 C A "H5'"  1 
ATOM 821 H "H5''" . C A 1 26 ? -4.887  -16.395 -11.184 1.00 0.00 ? 26 C A "H5''" 1 
ATOM 822 H "H4'"  . C A 1 26 ? -3.530  -14.655 -12.112 1.00 0.00 ? 26 C A "H4'"  1 
ATOM 823 H "H3'"  . C A 1 26 ? -1.864  -17.069 -11.249 1.00 0.00 ? 26 C A "H3'"  1 
ATOM 824 H "H2'"  . C A 1 26 ? 0.093   -15.901 -11.981 1.00 0.00 ? 26 C A "H2'"  1 
ATOM 825 H "HO2'" . C A 1 26 ? -1.140  -13.744 -13.171 1.00 0.00 ? 26 C A "HO2'" 1 
ATOM 826 H "H1'"  . C A 1 26 ? -0.764  -13.295 -11.289 1.00 0.00 ? 26 C A "H1'"  1 
ATOM 827 H H41    . C A 1 26 ? 3.368   -14.800 -6.690  1.00 0.00 ? 26 C A H41    1 
ATOM 828 H H42    . C A 1 26 ? 2.338   -16.076 -6.082  1.00 0.00 ? 26 C A H42    1 
ATOM 829 H H5     . C A 1 26 ? 0.133   -16.564 -7.074  1.00 0.00 ? 26 C A H5     1 
ATOM 830 H H6     . C A 1 26 ? -1.359  -16.065 -8.940  1.00 0.00 ? 26 C A H6     1 
ATOM 831 P P      . C A 1 27 ? -1.962  -17.935 -13.875 1.00 0.00 ? 27 C A P      1 
ATOM 832 O OP1    . C A 1 27 ? -2.640  -18.090 -15.180 1.00 0.00 ? 27 C A OP1    1 
ATOM 833 O OP2    . C A 1 27 ? -2.028  -19.024 -12.874 1.00 0.00 ? 27 C A OP2    1 
ATOM 834 O "O5'"  . C A 1 27 ? -0.411  -17.597 -14.149 1.00 0.00 ? 27 C A "O5'"  1 
ATOM 835 C "C5'"  . C A 1 27 ? 0.497   -18.631 -14.536 1.00 0.00 ? 27 C A "C5'"  1 
ATOM 836 C "C4'"  . C A 1 27 ? 1.939   -18.134 -14.567 1.00 0.00 ? 27 C A "C4'"  1 
ATOM 837 O "O4'"  . C A 1 27 ? 2.165   -17.263 -13.459 1.00 0.00 ? 27 C A "O4'"  1 
ATOM 838 C "C3'"  . C A 1 27 ? 2.993   -19.214 -14.403 1.00 0.00 ? 27 C A "C3'"  1 
ATOM 839 O "O3'"  . C A 1 27 ? 3.271   -19.842 -15.657 1.00 0.00 ? 27 C A "O3'"  1 
ATOM 840 C "C2'"  . C A 1 27 ? 4.191   -18.399 -13.933 1.00 0.00 ? 27 C A "C2'"  1 
ATOM 841 O "O2'"  . C A 1 27 ? 4.848   -17.790 -15.047 1.00 0.00 ? 27 C A "O2'"  1 
ATOM 842 C "C1'"  . C A 1 27 ? 3.540   -17.332 -13.046 1.00 0.00 ? 27 C A "C1'"  1 
ATOM 843 N N1     . C A 1 27 ? 3.598   -17.677 -11.608 1.00 0.00 ? 27 C A N1     1 
ATOM 844 C C2     . C A 1 27 ? 4.852   -17.790 -11.026 1.00 0.00 ? 27 C A C2     1 
ATOM 845 O O2     . C A 1 27 ? 5.865   -17.613 -11.703 1.00 0.00 ? 27 C A O2     1 
ATOM 846 N N3     . C A 1 27 ? 4.937   -18.101 -9.703  1.00 0.00 ? 27 C A N3     1 
ATOM 847 C C4     . C A 1 27 ? 3.829   -18.294 -8.975  1.00 0.00 ? 27 C A C4     1 
ATOM 848 N N4     . C A 1 27 ? 3.973   -18.592 -7.684  1.00 0.00 ? 27 C A N4     1 
ATOM 849 C C5     . C A 1 27 ? 2.531   -18.180 -9.567  1.00 0.00 ? 27 C A C5     1 
ATOM 850 C C6     . C A 1 27 ? 2.461   -17.872 -10.875 1.00 0.00 ? 27 C A C6     1 
ATOM 851 H "H5'"  . C A 1 27 ? 0.223   -18.989 -15.529 1.00 0.00 ? 27 C A "H5'"  1 
ATOM 852 H "H5''" . C A 1 27 ? 0.417   -19.455 -13.827 1.00 0.00 ? 27 C A "H5''" 1 
ATOM 853 H "H4'"  . C A 1 27 ? 2.102   -17.579 -15.492 1.00 0.00 ? 27 C A "H4'"  1 
ATOM 854 H "H3'"  . C A 1 27 ? 2.696   -19.945 -13.651 1.00 0.00 ? 27 C A "H3'"  1 
ATOM 855 H "HO3'" . C A 1 27 ? 2.441   -19.893 -16.140 1.00 0.00 ? 27 C A "HO3'" 1 
ATOM 856 H "H2'"  . C A 1 27 ? 4.881   -19.018 -13.361 1.00 0.00 ? 27 C A "H2'"  1 
ATOM 857 H "HO2'" . C A 1 27 ? 4.935   -18.460 -15.729 1.00 0.00 ? 27 C A "HO2'" 1 
ATOM 858 H "H1'"  . C A 1 27 ? 4.009   -16.361 -13.201 1.00 0.00 ? 27 C A "H1'"  1 
ATOM 859 H H41    . C A 1 27 ? 4.897   -18.721 -7.297  1.00 0.00 ? 27 C A H41    1 
ATOM 860 H H42    . C A 1 27 ? 3.159   -18.690 -7.095  1.00 0.00 ? 27 C A H42    1 
ATOM 861 H H5     . C A 1 27 ? 1.622   -18.335 -8.985  1.00 0.00 ? 27 C A H5     1 
ATOM 862 H H6     . C A 1 27 ? 1.487   -17.775 -11.356 1.00 0.00 ? 27 C A H6     1 
# 
